data_1YMH
#
_entry.id   1YMH
#
_cell.length_a   77.143
_cell.length_b   111.469
_cell.length_c   148.698
_cell.angle_alpha   90.00
_cell.angle_beta   90.00
_cell.angle_gamma   90.00
#
_symmetry.space_group_name_H-M   'P 21 21 21'
#
loop_
_entity.id
_entity.type
_entity.pdbx_description
1 polymer 'Fab 16D9D6, light chain'
2 polymer 'Fab 16D9D6, heavy chain'
3 polymer 'Protein L'
4 water water
#
loop_
_entity_poly.entity_id
_entity_poly.type
_entity_poly.pdbx_seq_one_letter_code
_entity_poly.pdbx_strand_id
1 'polypeptide(L)'
;DIVMSQSPSSLAVSAGEKVTMSCKSSQSLLNSRTRKNYLAWYQQKPGQSPKVLIYWASTRESGVPDRFTGRGSGTDFTLT
ISSVQAEDQAVYYCKQAYIPPLTFGAGTKLELKRADAAPTVSIFPPSSEQLTSGGASVVCFLNNFYPKDINVKWKIDGSE
RQNGVLNSWTDQDSKDSTYSMSSTLTLTKDEYERHNSYTCEATHKTSTSPIVKSFNRNEC
;
A,C
2 'polypeptide(L)'
;QIQLVQSGPELKKPGETVKISCKASGYTFTDFSMHWVNQAPGKGLNWMGWVNTETGEPTYADDFKGRFAFSLETSASTAY
LQINSLKNEDTATYFCARFLLRQYFDVWGAGTTVTVSSAKTTPPSVYPLAPGSAAQTNSMVTLGCLVKGYFPEPVTVTWN
SGSLSSGVHTFPAVLQSDLYTLSSSVTVPSSTWPSETVTCNVAHPASSTKVDKKIVPR
;
B,D
3 'polypeptide(L)' KEEVTIKVNLIFADGKIQTAEFKGTFEEATAEAYRYADLLAKVNGEYTWDLEDGGNHMNIKFAGK E,F
#
# COMPACT_ATOMS: atom_id res chain seq x y z
N ASP A 1 -13.31 -20.02 -33.35
CA ASP A 1 -12.27 -19.12 -32.36
C ASP A 1 -10.80 -19.55 -32.35
N ILE A 2 -9.84 -18.66 -32.22
CA ILE A 2 -8.41 -19.08 -32.04
C ILE A 2 -8.24 -19.80 -30.66
N VAL A 3 -7.71 -21.05 -30.68
CA VAL A 3 -7.70 -21.99 -29.50
C VAL A 3 -6.21 -22.02 -29.08
N MET A 4 -6.00 -21.79 -27.80
CA MET A 4 -4.67 -21.52 -27.27
C MET A 4 -4.26 -22.62 -26.46
N SER A 5 -3.11 -23.27 -26.79
CA SER A 5 -2.71 -24.46 -25.98
C SER A 5 -1.43 -24.21 -25.26
N GLN A 6 -1.41 -24.57 -23.95
CA GLN A 6 -0.16 -24.17 -23.24
C GLN A 6 0.36 -25.32 -22.72
N SER A 7 1.67 -25.39 -22.71
CA SER A 7 2.43 -26.49 -22.16
C SER A 7 3.68 -26.04 -21.44
N PRO A 8 3.95 -26.66 -20.36
CA PRO A 8 3.14 -27.72 -19.84
C PRO A 8 2.11 -27.30 -18.94
N SER A 9 1.40 -28.18 -18.25
CA SER A 9 0.32 -27.63 -17.49
C SER A 9 0.82 -27.19 -16.03
N SER A 10 2.07 -27.73 -15.76
CA SER A 10 2.81 -27.36 -14.56
C SER A 10 4.17 -27.73 -14.63
N LEU A 11 4.96 -27.02 -13.98
CA LEU A 11 6.38 -27.24 -14.13
C LEU A 11 7.00 -27.08 -12.71
N ALA A 12 8.04 -27.79 -12.34
CA ALA A 12 8.83 -27.59 -11.01
C ALA A 12 10.24 -27.52 -11.29
N VAL A 13 10.96 -26.44 -10.87
CA VAL A 13 12.27 -26.19 -11.22
C VAL A 13 12.97 -25.66 -9.90
N SER A 14 14.32 -25.55 -9.95
CA SER A 14 15.14 -25.08 -8.85
C SER A 14 15.70 -23.73 -9.19
N ALA A 15 16.13 -22.98 -8.13
CA ALA A 15 16.49 -21.54 -8.25
C ALA A 15 17.71 -21.45 -9.08
N GLY A 16 17.93 -20.35 -9.72
CA GLY A 16 18.95 -20.21 -10.75
C GLY A 16 18.76 -20.84 -12.16
N GLU A 17 18.01 -21.94 -12.20
CA GLU A 17 17.68 -22.69 -13.45
C GLU A 17 16.75 -22.01 -14.49
N LYS A 18 16.84 -22.38 -15.78
CA LYS A 18 16.06 -21.81 -16.95
C LYS A 18 14.77 -22.60 -17.17
N VAL A 19 13.66 -21.90 -17.07
CA VAL A 19 12.35 -22.45 -17.34
C VAL A 19 11.82 -22.00 -18.71
N THR A 20 11.21 -22.90 -19.42
CA THR A 20 10.62 -22.53 -20.77
C THR A 20 9.19 -23.03 -20.94
N MET A 21 8.28 -22.19 -21.32
CA MET A 21 6.82 -22.48 -21.37
C MET A 21 6.44 -22.35 -22.81
N SER A 22 5.54 -23.17 -23.23
CA SER A 22 5.22 -22.99 -24.64
C SER A 22 3.82 -22.63 -24.80
N CYS A 23 3.54 -21.92 -25.86
CA CYS A 23 2.14 -21.54 -26.24
C CYS A 23 1.99 -21.69 -27.76
N LYS A 24 1.05 -22.51 -28.11
CA LYS A 24 0.69 -22.73 -29.59
C LYS A 24 -0.77 -22.28 -29.80
N SER A 25 -0.90 -21.36 -30.76
CA SER A 25 -2.13 -21.07 -31.41
C SER A 25 -2.62 -21.95 -32.62
N SER A 26 -3.92 -22.36 -32.58
CA SER A 26 -4.71 -23.02 -33.69
C SER A 26 -4.53 -22.24 -34.97
N GLN A 27 -4.17 -20.97 -35.07
CA GLN A 27 -3.80 -20.45 -36.40
C GLN A 27 -2.93 -19.26 -36.25
N SER A 28 -2.56 -18.54 -37.23
CA SER A 28 -1.49 -17.56 -37.07
C SER A 28 -1.97 -16.27 -36.30
N LEU A 29 -1.11 -15.40 -35.80
CA LEU A 29 -1.69 -14.30 -34.98
C LEU A 29 -0.89 -13.30 -35.55
N LEU A 30 -0.18 -13.59 -36.63
CA LEU A 30 0.60 -12.50 -37.30
C LEU A 30 -0.34 -11.40 -38.03
N ASN A 31 -0.13 -10.18 -37.67
CA ASN A 31 -1.12 -9.23 -38.18
C ASN A 31 -0.46 -8.51 -39.36
N SER A 32 -1.08 -8.78 -40.55
CA SER A 32 -0.54 -8.40 -41.95
C SER A 32 -0.16 -6.92 -41.97
N ARG A 33 -1.19 -6.14 -41.75
CA ARG A 33 -1.13 -4.70 -41.49
C ARG A 33 0.00 -4.19 -40.54
N THR A 34 -0.03 -4.70 -39.32
CA THR A 34 0.94 -4.27 -38.27
C THR A 34 2.38 -4.78 -38.22
N ARG A 35 2.59 -6.04 -38.75
CA ARG A 35 3.90 -6.60 -38.62
C ARG A 35 4.40 -7.10 -37.20
N LYS A 36 3.40 -7.46 -36.41
CA LYS A 36 3.41 -7.65 -34.91
C LYS A 36 2.45 -8.89 -34.59
N ASN A 37 2.91 -9.77 -33.75
CA ASN A 37 2.05 -10.91 -33.41
C ASN A 37 1.24 -10.56 -32.17
N TYR A 38 -0.08 -10.79 -32.20
CA TYR A 38 -0.88 -10.20 -31.15
C TYR A 38 -1.06 -11.24 -30.11
N LEU A 39 0.11 -11.38 -29.35
CA LEU A 39 0.30 -12.41 -28.43
C LEU A 39 0.81 -11.81 -27.15
N ALA A 40 0.18 -12.17 -26.00
CA ALA A 40 0.70 -11.49 -24.78
C ALA A 40 0.84 -12.54 -23.63
N TRP A 41 1.82 -12.36 -22.77
CA TRP A 41 1.86 -13.28 -21.57
C TRP A 41 1.58 -12.47 -20.27
N TYR A 42 0.88 -13.05 -19.36
CA TYR A 42 0.57 -12.48 -18.08
C TYR A 42 1.05 -13.45 -16.96
N GLN A 43 1.31 -12.94 -15.75
CA GLN A 43 1.58 -13.76 -14.58
C GLN A 43 0.52 -13.53 -13.59
N GLN A 44 0.19 -14.52 -12.89
CA GLN A 44 -0.87 -14.34 -11.85
C GLN A 44 -0.57 -15.21 -10.53
N LYS A 45 -0.39 -14.46 -9.37
CA LYS A 45 -0.03 -15.11 -8.14
C LYS A 45 -1.24 -15.36 -7.43
N PRO A 46 -1.15 -16.20 -6.49
CA PRO A 46 -2.37 -16.55 -5.66
C PRO A 46 -3.01 -15.27 -5.16
N GLY A 47 -4.27 -15.05 -5.46
CA GLY A 47 -4.94 -14.00 -4.74
C GLY A 47 -4.96 -12.71 -5.53
N GLN A 48 -4.33 -12.72 -6.65
CA GLN A 48 -4.21 -11.49 -7.27
C GLN A 48 -4.82 -11.47 -8.59
N SER A 49 -4.78 -10.31 -9.18
CA SER A 49 -5.15 -10.04 -10.52
C SER A 49 -3.90 -10.30 -11.46
N PRO A 50 -4.03 -10.64 -12.64
CA PRO A 50 -2.99 -10.90 -13.51
C PRO A 50 -2.28 -9.69 -13.82
N LYS A 51 -1.09 -9.79 -14.31
CA LYS A 51 -0.22 -8.50 -14.73
C LYS A 51 0.65 -8.90 -15.95
N VAL A 52 0.79 -7.97 -16.84
CA VAL A 52 1.46 -8.38 -18.12
C VAL A 52 2.88 -8.40 -17.90
N LEU A 53 3.56 -9.31 -18.50
CA LEU A 53 5.01 -9.48 -18.57
C LEU A 53 5.50 -9.17 -20.03
N ILE A 54 4.80 -9.65 -21.11
CA ILE A 54 5.20 -9.50 -22.38
C ILE A 54 4.09 -9.24 -23.32
N TYR A 55 4.26 -8.33 -24.27
CA TYR A 55 3.26 -8.19 -25.28
C TYR A 55 3.81 -8.26 -26.79
N TRP A 56 2.97 -8.35 -27.86
CA TRP A 56 3.60 -8.27 -29.29
C TRP A 56 4.65 -9.41 -29.29
N ALA A 57 4.25 -10.57 -28.65
CA ALA A 57 5.04 -11.77 -28.47
C ALA A 57 6.37 -11.64 -27.87
N SER A 58 7.07 -10.56 -28.17
CA SER A 58 8.47 -10.50 -27.62
C SER A 58 8.85 -9.22 -26.93
N THR A 59 8.01 -8.21 -26.85
CA THR A 59 8.29 -6.98 -26.15
C THR A 59 8.04 -7.15 -24.69
N ARG A 60 8.99 -6.69 -23.85
CA ARG A 60 8.97 -6.93 -22.42
C ARG A 60 8.47 -5.58 -21.92
N GLU A 61 7.60 -5.62 -20.95
CA GLU A 61 6.95 -4.38 -20.58
C GLU A 61 7.79 -3.72 -19.48
N SER A 62 7.61 -2.40 -19.45
CA SER A 62 8.68 -1.66 -18.62
C SER A 62 8.49 -2.21 -17.09
N GLY A 63 9.53 -2.51 -16.44
CA GLY A 63 9.71 -2.92 -15.09
C GLY A 63 9.74 -4.37 -14.94
N VAL A 64 9.53 -5.17 -15.94
CA VAL A 64 9.67 -6.67 -15.65
C VAL A 64 11.18 -7.00 -15.84
N PRO A 65 11.72 -7.76 -15.00
CA PRO A 65 13.07 -8.14 -14.99
C PRO A 65 13.37 -8.78 -16.27
N ASP A 66 14.48 -8.42 -16.84
CA ASP A 66 15.10 -8.96 -18.15
C ASP A 66 15.25 -10.45 -18.27
N ARG A 67 15.27 -11.13 -17.14
CA ARG A 67 15.22 -12.60 -17.10
C ARG A 67 13.98 -13.25 -17.76
N PHE A 68 12.97 -12.37 -18.01
CA PHE A 68 11.79 -12.80 -18.62
C PHE A 68 11.99 -12.65 -20.14
N THR A 69 11.80 -13.74 -20.91
CA THR A 69 11.78 -13.55 -22.29
C THR A 69 10.71 -14.29 -23.07
N GLY A 70 10.30 -13.58 -24.13
CA GLY A 70 9.57 -14.38 -25.11
C GLY A 70 9.85 -14.30 -26.60
N ARG A 71 9.42 -15.38 -27.30
CA ARG A 71 9.77 -15.40 -28.60
C ARG A 71 8.69 -16.11 -29.22
N GLY A 72 8.85 -16.08 -30.52
CA GLY A 72 7.99 -16.87 -31.47
C GLY A 72 7.36 -15.99 -32.52
N SER A 73 6.54 -16.56 -33.39
CA SER A 73 5.79 -15.95 -34.49
C SER A 73 4.91 -16.93 -35.10
N GLY A 74 3.74 -16.47 -35.49
CA GLY A 74 2.69 -17.32 -36.06
C GLY A 74 1.82 -17.96 -35.14
N THR A 75 2.28 -19.12 -34.90
CA THR A 75 1.48 -20.00 -34.03
C THR A 75 2.31 -20.67 -32.89
N ASP A 76 3.65 -20.52 -32.89
CA ASP A 76 4.47 -21.17 -31.83
C ASP A 76 5.11 -20.11 -31.03
N PHE A 77 4.82 -20.13 -29.70
CA PHE A 77 5.54 -19.15 -28.91
C PHE A 77 6.12 -19.80 -27.68
N THR A 78 7.06 -19.09 -27.16
CA THR A 78 7.57 -19.43 -25.80
C THR A 78 7.79 -18.32 -24.76
N LEU A 79 7.84 -18.71 -23.51
CA LEU A 79 8.19 -17.77 -22.48
C LEU A 79 9.31 -18.41 -21.68
N THR A 80 10.36 -17.68 -21.57
CA THR A 80 11.53 -18.19 -20.84
C THR A 80 11.87 -17.37 -19.71
N ILE A 81 12.22 -17.97 -18.65
CA ILE A 81 12.64 -17.24 -17.51
C ILE A 81 14.01 -17.71 -17.06
N SER A 82 15.03 -16.87 -17.14
CA SER A 82 16.47 -17.38 -16.83
C SER A 82 16.85 -17.65 -15.34
N SER A 83 16.10 -17.11 -14.38
CA SER A 83 16.54 -17.59 -13.08
C SER A 83 15.49 -17.88 -11.98
N VAL A 84 14.85 -18.94 -12.07
CA VAL A 84 13.65 -18.81 -11.52
C VAL A 84 14.00 -18.48 -10.05
N GLN A 85 13.14 -17.71 -9.38
CA GLN A 85 13.27 -17.44 -7.95
C GLN A 85 11.88 -17.53 -7.30
N ALA A 86 11.88 -17.73 -6.01
CA ALA A 86 10.61 -18.07 -5.42
C ALA A 86 9.56 -17.01 -5.79
N GLU A 87 10.06 -15.84 -6.17
CA GLU A 87 9.07 -14.81 -6.40
C GLU A 87 8.32 -15.14 -7.79
N ASP A 88 8.72 -16.22 -8.44
CA ASP A 88 8.31 -16.36 -9.75
C ASP A 88 7.20 -17.52 -9.71
N GLN A 89 6.88 -17.87 -8.51
CA GLN A 89 5.78 -18.63 -8.08
C GLN A 89 4.49 -18.16 -8.50
N ALA A 90 3.95 -18.77 -9.50
CA ALA A 90 2.64 -18.31 -9.95
C ALA A 90 2.07 -19.23 -11.09
N VAL A 91 0.99 -18.82 -11.69
CA VAL A 91 0.50 -19.28 -12.93
C VAL A 91 0.84 -18.39 -14.17
N TYR A 92 1.44 -18.77 -15.29
CA TYR A 92 1.60 -17.82 -16.41
C TYR A 92 0.44 -18.12 -17.60
N TYR A 93 -0.24 -17.09 -18.11
CA TYR A 93 -1.17 -17.19 -19.18
C TYR A 93 -0.64 -16.49 -20.49
N CYS A 94 -0.87 -17.15 -21.73
CA CYS A 94 -0.79 -16.37 -22.97
C CYS A 94 -2.15 -16.10 -23.40
N LYS A 95 -2.24 -15.04 -24.06
CA LYS A 95 -3.52 -14.52 -24.51
C LYS A 95 -3.49 -14.08 -25.93
N GLN A 96 -4.46 -14.50 -26.84
CA GLN A 96 -4.25 -13.83 -28.18
C GLN A 96 -5.22 -12.87 -28.42
N ALA A 97 -4.73 -11.76 -29.05
CA ALA A 97 -5.64 -10.83 -29.44
C ALA A 97 -5.78 -10.44 -30.98
N TYR A 98 -5.64 -11.48 -31.82
CA TYR A 98 -5.47 -11.34 -33.24
C TYR A 98 -6.82 -11.18 -33.81
N ILE A 99 -7.76 -11.97 -33.48
CA ILE A 99 -9.00 -11.89 -33.90
C ILE A 99 -9.94 -12.38 -32.87
N PRO A 100 -10.99 -11.58 -32.46
CA PRO A 100 -11.79 -11.98 -31.33
C PRO A 100 -12.67 -13.10 -31.53
N PRO A 101 -13.16 -13.76 -30.57
CA PRO A 101 -12.94 -13.50 -29.15
C PRO A 101 -11.54 -13.69 -28.57
N LEU A 102 -11.06 -12.70 -27.74
CA LEU A 102 -9.75 -12.78 -27.10
C LEU A 102 -9.74 -14.11 -26.37
N THR A 103 -8.72 -14.88 -26.46
CA THR A 103 -8.65 -16.12 -25.78
C THR A 103 -7.35 -16.47 -25.03
N PHE A 104 -7.48 -17.10 -23.85
CA PHE A 104 -6.35 -17.44 -23.09
C PHE A 104 -5.99 -18.92 -23.18
N GLY A 105 -4.75 -19.22 -22.90
CA GLY A 105 -4.33 -20.62 -22.64
C GLY A 105 -4.75 -21.10 -21.38
N ALA A 106 -4.73 -22.37 -21.08
CA ALA A 106 -5.35 -22.82 -19.83
C ALA A 106 -4.14 -22.63 -18.69
N GLY A 107 -2.97 -22.01 -19.06
CA GLY A 107 -2.05 -21.68 -18.05
C GLY A 107 -1.11 -22.63 -17.62
N THR A 108 0.12 -22.25 -17.50
CA THR A 108 1.23 -23.13 -16.96
C THR A 108 1.59 -22.75 -15.40
N LYS A 109 1.29 -23.65 -14.46
CA LYS A 109 1.73 -23.43 -13.12
C LYS A 109 3.24 -23.62 -12.81
N LEU A 110 3.99 -22.59 -12.39
CA LEU A 110 5.40 -22.73 -12.12
C LEU A 110 5.70 -22.84 -10.57
N GLU A 111 6.31 -23.95 -10.07
CA GLU A 111 6.55 -24.27 -8.74
C GLU A 111 7.95 -24.51 -8.58
N LEU A 112 8.54 -24.21 -7.42
CA LEU A 112 10.01 -24.32 -7.23
C LEU A 112 10.29 -25.60 -6.53
N LYS A 113 11.41 -26.22 -6.78
CA LYS A 113 11.83 -27.34 -5.93
C LYS A 113 12.92 -26.70 -5.11
N ARG A 114 13.08 -27.30 -3.98
CA ARG A 114 14.22 -26.99 -3.20
C ARG A 114 14.50 -28.24 -2.41
N ALA A 115 15.57 -28.04 -1.60
CA ALA A 115 16.13 -29.09 -0.72
C ALA A 115 15.09 -29.77 0.33
N ASP A 116 15.18 -31.05 0.56
CA ASP A 116 13.97 -31.64 1.13
C ASP A 116 13.84 -30.89 2.48
N ALA A 117 12.61 -30.91 3.05
CA ALA A 117 12.49 -30.50 4.44
C ALA A 117 11.45 -31.13 5.38
N ALA A 118 11.85 -31.24 6.67
CA ALA A 118 11.03 -32.03 7.60
C ALA A 118 10.01 -31.04 7.95
N PRO A 119 8.76 -31.37 8.34
CA PRO A 119 7.79 -30.39 8.79
C PRO A 119 8.08 -30.02 10.25
N THR A 120 7.20 -29.14 10.86
CA THR A 120 7.48 -28.52 12.10
C THR A 120 6.13 -28.56 12.43
N VAL A 121 5.85 -29.57 13.17
CA VAL A 121 4.49 -29.76 13.73
C VAL A 121 4.25 -29.36 15.16
N SER A 122 2.98 -29.24 15.46
CA SER A 122 2.62 -28.52 16.64
C SER A 122 1.22 -28.70 16.78
N ILE A 123 0.93 -29.14 18.03
CA ILE A 123 -0.32 -29.61 18.56
C ILE A 123 -0.82 -28.65 19.49
N PHE A 124 -2.14 -28.55 19.56
CA PHE A 124 -2.89 -27.50 20.25
C PHE A 124 -4.17 -28.21 20.66
N PRO A 125 -4.46 -28.17 21.99
CA PRO A 125 -5.77 -28.71 22.48
C PRO A 125 -6.81 -27.77 22.39
N PRO A 126 -7.98 -28.10 22.69
CA PRO A 126 -8.92 -27.07 22.40
C PRO A 126 -8.74 -25.86 23.33
N SER A 127 -9.83 -25.22 23.69
CA SER A 127 -9.65 -23.85 24.17
C SER A 127 -10.94 -23.37 24.90
N SER A 128 -10.75 -22.83 26.10
CA SER A 128 -11.77 -22.39 26.89
C SER A 128 -13.01 -21.91 26.09
N GLU A 129 -13.01 -20.68 25.56
CA GLU A 129 -14.36 -20.12 25.17
C GLU A 129 -15.21 -21.07 24.24
N GLN A 130 -14.43 -22.08 23.81
CA GLN A 130 -14.91 -23.04 22.85
C GLN A 130 -15.43 -24.21 23.55
N LEU A 131 -14.64 -24.60 24.54
CA LEU A 131 -15.13 -25.65 25.47
C LEU A 131 -16.59 -25.22 26.09
N THR A 132 -16.62 -24.29 27.03
CA THR A 132 -17.69 -23.36 27.13
C THR A 132 -18.92 -23.37 26.06
N SER A 133 -18.67 -23.53 24.76
CA SER A 133 -19.73 -23.50 23.76
C SER A 133 -20.23 -24.89 23.39
N GLY A 134 -19.41 -25.90 23.66
CA GLY A 134 -19.88 -27.24 23.33
C GLY A 134 -18.97 -28.21 22.53
N GLY A 135 -18.43 -27.71 21.37
CA GLY A 135 -17.33 -28.36 20.64
C GLY A 135 -15.96 -28.40 21.29
N ALA A 136 -15.01 -29.03 20.66
CA ALA A 136 -13.64 -29.27 21.06
C ALA A 136 -12.59 -29.35 20.02
N SER A 137 -12.29 -28.20 19.32
CA SER A 137 -11.44 -28.54 18.14
C SER A 137 -10.05 -28.69 18.62
N VAL A 138 -9.34 -29.56 17.95
CA VAL A 138 -7.90 -29.81 18.19
C VAL A 138 -7.12 -29.60 16.90
N VAL A 139 -5.86 -29.16 16.97
CA VAL A 139 -5.31 -28.61 15.86
C VAL A 139 -3.81 -28.92 15.76
N CYS A 140 -3.39 -29.11 14.48
CA CYS A 140 -2.05 -29.39 14.22
C CYS A 140 -1.58 -28.71 12.93
N PHE A 141 -0.29 -28.50 13.01
CA PHE A 141 0.38 -27.60 12.10
C PHE A 141 1.69 -28.21 11.51
N LEU A 142 1.72 -28.41 10.19
CA LEU A 142 2.85 -28.94 9.64
C LEU A 142 3.24 -27.89 8.58
N ASN A 143 3.84 -26.91 9.09
CA ASN A 143 4.32 -25.89 8.40
C ASN A 143 5.86 -26.19 8.03
N ASN A 144 6.24 -25.58 6.92
CA ASN A 144 7.51 -25.63 6.39
C ASN A 144 8.14 -26.94 6.00
N PHE A 145 7.28 -27.83 5.38
CA PHE A 145 7.77 -29.15 4.85
C PHE A 145 7.78 -29.10 3.39
N TYR A 146 8.90 -29.51 2.74
CA TYR A 146 9.07 -29.37 1.31
C TYR A 146 8.15 -30.25 0.33
N PRO A 147 8.28 -31.53 0.28
CA PRO A 147 7.58 -32.09 -0.82
C PRO A 147 6.20 -31.96 -0.41
N LYS A 148 5.30 -31.68 -1.32
CA LYS A 148 4.05 -31.17 -0.97
C LYS A 148 3.13 -32.12 -0.45
N ASP A 149 3.32 -33.39 -0.85
CA ASP A 149 2.32 -34.42 -0.33
C ASP A 149 2.72 -34.86 1.17
N ILE A 150 1.64 -35.24 1.80
CA ILE A 150 1.76 -35.43 3.15
C ILE A 150 0.48 -36.07 3.61
N ASN A 151 0.44 -36.98 4.54
CA ASN A 151 -0.93 -37.30 5.16
C ASN A 151 -0.96 -37.25 6.74
N VAL A 152 -2.17 -37.60 7.16
CA VAL A 152 -2.62 -37.24 8.46
C VAL A 152 -4.00 -37.90 8.83
N LYS A 153 -3.94 -38.15 10.15
CA LYS A 153 -4.80 -38.97 10.99
C LYS A 153 -4.63 -38.60 12.53
N TRP A 154 -5.82 -38.77 13.02
CA TRP A 154 -6.12 -38.69 14.43
C TRP A 154 -6.65 -40.00 15.31
N LYS A 155 -5.88 -40.01 16.42
CA LYS A 155 -5.78 -41.01 17.46
C LYS A 155 -5.67 -40.46 18.93
N ILE A 156 -6.79 -40.77 19.67
CA ILE A 156 -6.94 -40.73 21.15
C ILE A 156 -6.36 -42.03 21.81
N ASP A 157 -5.41 -42.50 20.97
CA ASP A 157 -4.71 -43.82 20.70
C ASP A 157 -5.26 -45.01 19.89
N GLY A 158 -5.91 -45.94 20.57
CA GLY A 158 -6.17 -47.29 20.02
C GLY A 158 -7.60 -47.20 19.51
N SER A 159 -7.73 -46.17 18.59
CA SER A 159 -8.87 -45.18 18.39
C SER A 159 -8.89 -44.54 16.99
N GLU A 160 -7.64 -44.41 16.42
CA GLU A 160 -7.18 -43.83 15.09
C GLU A 160 -8.19 -43.86 13.87
N ARG A 161 -8.98 -42.78 13.81
CA ARG A 161 -9.99 -42.79 12.78
C ARG A 161 -10.23 -41.40 12.29
N GLN A 162 -11.34 -41.12 11.55
CA GLN A 162 -11.73 -39.75 11.51
C GLN A 162 -13.25 -39.55 11.38
N ASN A 163 -13.65 -38.33 11.74
CA ASN A 163 -14.81 -37.70 11.24
C ASN A 163 -14.70 -36.21 11.55
N GLY A 164 -14.44 -35.40 10.53
CA GLY A 164 -14.56 -33.98 10.87
C GLY A 164 -13.20 -33.36 11.29
N VAL A 165 -12.19 -34.05 10.96
CA VAL A 165 -10.86 -34.01 10.52
C VAL A 165 -10.90 -33.45 9.06
N LEU A 166 -10.79 -32.11 9.15
CA LEU A 166 -10.67 -31.23 8.01
C LEU A 166 -9.26 -30.58 8.05
N ASN A 167 -8.72 -30.83 6.91
CA ASN A 167 -7.45 -30.21 6.60
C ASN A 167 -7.41 -29.31 5.42
N SER A 168 -6.32 -28.52 5.44
CA SER A 168 -6.19 -27.47 4.48
C SER A 168 -4.80 -27.33 4.21
N TRP A 169 -4.58 -26.72 3.05
CA TRP A 169 -3.25 -26.60 2.47
C TRP A 169 -3.02 -25.21 2.03
N THR A 170 -1.79 -24.76 2.01
CA THR A 170 -1.56 -23.59 1.44
C THR A 170 -0.81 -23.60 0.11
N ASP A 171 -0.80 -22.55 -0.76
CA ASP A 171 0.05 -22.57 -1.95
C ASP A 171 1.42 -22.47 -1.51
N GLN A 172 2.39 -22.80 -2.40
CA GLN A 172 3.75 -22.73 -2.14
C GLN A 172 4.15 -21.35 -1.51
N ASP A 173 4.44 -21.26 -0.22
CA ASP A 173 5.28 -20.18 0.36
C ASP A 173 6.11 -19.28 -0.56
N SER A 174 5.85 -17.96 -0.57
CA SER A 174 6.75 -17.05 -1.42
C SER A 174 8.00 -16.66 -0.94
N LYS A 175 8.28 -17.14 0.27
CA LYS A 175 9.54 -16.84 0.74
C LYS A 175 10.42 -17.96 0.65
N ASP A 176 9.95 -19.09 1.20
CA ASP A 176 10.95 -20.15 1.42
C ASP A 176 10.75 -21.43 0.53
N SER A 177 9.70 -21.29 -0.25
CA SER A 177 9.27 -22.22 -1.16
C SER A 177 8.87 -23.50 -0.41
N THR A 178 8.28 -23.43 0.73
CA THR A 178 7.79 -24.72 1.13
C THR A 178 6.41 -24.73 1.23
N TYR A 179 5.79 -25.69 1.93
CA TYR A 179 4.37 -25.93 1.86
C TYR A 179 3.96 -26.24 3.38
N SER A 180 2.65 -26.26 3.70
CA SER A 180 2.23 -26.35 5.07
C SER A 180 0.80 -26.70 5.08
N MET A 181 0.29 -27.46 6.18
CA MET A 181 -1.30 -27.59 6.27
C MET A 181 -1.85 -27.57 7.65
N SER A 182 -3.16 -27.35 7.78
CA SER A 182 -3.54 -27.31 9.06
C SER A 182 -4.41 -28.40 9.07
N SER A 183 -4.23 -29.08 10.15
CA SER A 183 -5.20 -30.13 10.60
C SER A 183 -6.14 -29.94 11.96
N THR A 184 -7.43 -30.10 11.78
CA THR A 184 -8.38 -29.48 12.58
C THR A 184 -9.57 -30.40 12.80
N LEU A 185 -9.27 -31.00 13.99
CA LEU A 185 -9.99 -32.17 14.64
C LEU A 185 -11.18 -31.76 15.63
N THR A 186 -12.33 -31.82 14.94
CA THR A 186 -13.63 -31.64 15.42
C THR A 186 -14.03 -32.99 16.00
N LEU A 187 -14.68 -32.81 17.18
CA LEU A 187 -15.36 -33.78 18.02
C LEU A 187 -16.60 -33.07 18.51
N THR A 188 -16.64 -33.24 19.84
CA THR A 188 -17.48 -32.60 20.93
C THR A 188 -16.65 -32.64 22.32
N LYS A 189 -16.98 -31.72 23.27
CA LYS A 189 -16.37 -31.63 24.65
C LYS A 189 -16.62 -32.81 25.60
N ASP A 190 -17.89 -33.16 25.71
CA ASP A 190 -18.36 -34.18 26.67
C ASP A 190 -17.48 -35.53 26.41
N GLU A 191 -16.69 -35.55 25.27
CA GLU A 191 -16.10 -36.72 24.50
C GLU A 191 -14.61 -36.69 24.43
N TYR A 192 -14.20 -35.49 24.12
CA TYR A 192 -12.84 -34.96 24.24
C TYR A 192 -12.32 -35.31 25.77
N GLU A 193 -13.18 -35.03 26.83
CA GLU A 193 -12.88 -35.24 28.32
C GLU A 193 -13.09 -36.62 28.73
N ARG A 194 -13.79 -37.39 27.88
CA ARG A 194 -14.04 -38.86 28.04
C ARG A 194 -12.94 -39.64 27.30
N HIS A 195 -12.23 -39.05 26.37
CA HIS A 195 -11.23 -39.90 25.88
C HIS A 195 -9.86 -39.42 26.37
N ASN A 196 -8.91 -40.21 25.90
CA ASN A 196 -7.45 -40.40 26.24
C ASN A 196 -6.20 -39.26 26.18
N SER A 197 -5.00 -39.83 25.89
CA SER A 197 -3.84 -39.26 25.12
C SER A 197 -4.49 -38.62 23.88
N TYR A 198 -3.75 -37.76 23.12
CA TYR A 198 -4.23 -37.06 21.88
C TYR A 198 -3.11 -36.69 20.97
N THR A 199 -2.99 -37.46 19.88
CA THR A 199 -1.74 -37.40 19.10
C THR A 199 -1.89 -36.93 17.65
N CYS A 200 -0.70 -36.56 17.11
CA CYS A 200 -0.50 -36.04 15.76
C CYS A 200 0.49 -36.89 14.90
N GLU A 201 -0.02 -37.28 13.73
CA GLU A 201 0.75 -38.16 12.83
C GLU A 201 0.91 -37.76 11.30
N ALA A 202 2.19 -37.49 11.22
CA ALA A 202 2.82 -36.71 10.26
C ALA A 202 3.72 -37.59 9.48
N THR A 203 3.24 -38.05 8.31
CA THR A 203 3.99 -38.95 7.37
C THR A 203 4.67 -38.17 6.22
N HIS A 204 6.01 -38.25 6.15
CA HIS A 204 6.62 -37.48 5.03
C HIS A 204 7.76 -38.26 4.40
N LYS A 205 8.12 -37.93 3.16
CA LYS A 205 9.34 -38.41 2.49
C LYS A 205 10.51 -38.40 3.44
N THR A 206 10.64 -37.41 4.28
CA THR A 206 11.78 -37.26 5.13
C THR A 206 11.88 -38.03 6.38
N SER A 207 10.97 -39.03 6.59
CA SER A 207 11.07 -39.96 7.69
C SER A 207 10.50 -41.33 7.47
N THR A 208 11.31 -42.38 7.71
CA THR A 208 10.73 -43.76 7.84
C THR A 208 9.58 -43.75 8.90
N SER A 209 9.98 -43.15 10.02
CA SER A 209 9.23 -43.12 11.27
C SER A 209 8.37 -41.88 11.11
N PRO A 210 7.09 -41.96 11.38
CA PRO A 210 6.44 -40.68 11.48
C PRO A 210 7.06 -39.76 12.57
N ILE A 211 6.96 -38.44 12.34
CA ILE A 211 6.71 -37.29 13.33
C ILE A 211 5.26 -37.23 14.01
N VAL A 212 5.43 -37.42 15.36
CA VAL A 212 4.42 -37.58 16.42
C VAL A 212 4.66 -36.47 17.52
N LYS A 213 3.50 -35.88 17.88
CA LYS A 213 3.35 -34.71 18.67
C LYS A 213 1.95 -35.01 19.21
N SER A 214 1.99 -35.07 20.57
CA SER A 214 0.91 -35.43 21.51
C SER A 214 1.03 -34.65 22.76
N PHE A 215 -0.13 -34.56 23.41
CA PHE A 215 -0.44 -33.41 24.19
C PHE A 215 -0.84 -33.79 25.61
N ASN A 216 -0.87 -32.69 26.41
CA ASN A 216 -1.30 -32.58 27.88
C ASN A 216 -2.89 -32.63 28.23
N ARG A 217 -3.42 -33.85 28.53
CA ARG A 217 -4.64 -34.01 29.38
C ARG A 217 -4.31 -34.08 30.91
N ASN A 218 -3.01 -33.79 31.16
CA ASN A 218 -2.16 -33.30 32.32
C ASN A 218 -1.93 -31.79 32.77
N GLU A 219 -1.92 -30.88 31.79
CA GLU A 219 -2.04 -29.41 31.98
C GLU A 219 -3.49 -28.86 31.70
N CYS A 220 -4.38 -29.78 31.22
CA CYS A 220 -5.63 -29.40 30.49
C CYS A 220 -6.89 -30.18 30.97
N GLN B 1 -1.94 5.50 -8.11
CA GLN B 1 -2.91 6.72 -8.56
C GLN B 1 -3.55 6.55 -9.96
N ILE B 2 -3.48 5.35 -10.56
CA ILE B 2 -3.87 5.03 -11.86
C ILE B 2 -4.52 3.73 -11.81
N GLN B 3 -5.84 3.64 -11.74
CA GLN B 3 -6.40 2.37 -11.28
C GLN B 3 -7.95 2.02 -11.61
N LEU B 4 -8.36 0.75 -11.35
CA LEU B 4 -9.69 0.44 -11.51
C LEU B 4 -10.10 -0.07 -10.12
N VAL B 5 -11.19 0.55 -9.48
CA VAL B 5 -11.46 0.06 -8.28
C VAL B 5 -12.79 -0.71 -8.37
N GLN B 6 -12.87 -1.89 -7.87
CA GLN B 6 -14.00 -2.75 -8.10
C GLN B 6 -14.75 -2.96 -6.80
N SER B 7 -16.00 -3.20 -6.91
CA SER B 7 -16.88 -3.35 -5.78
C SER B 7 -16.64 -4.59 -4.99
N GLY B 8 -17.05 -4.60 -3.74
CA GLY B 8 -16.77 -5.65 -2.72
C GLY B 8 -17.39 -7.04 -3.08
N PRO B 9 -16.96 -8.09 -2.53
CA PRO B 9 -17.56 -9.47 -2.74
C PRO B 9 -19.06 -9.41 -2.38
N GLU B 10 -19.79 -10.00 -3.36
CA GLU B 10 -21.24 -10.26 -3.40
C GLU B 10 -21.50 -11.85 -2.87
N LEU B 11 -22.54 -11.99 -2.08
CA LEU B 11 -23.30 -13.26 -1.71
C LEU B 11 -24.71 -13.19 -2.36
N LYS B 12 -24.97 -13.91 -3.43
CA LYS B 12 -26.31 -14.15 -3.88
C LYS B 12 -26.94 -15.59 -3.79
N LYS B 13 -28.27 -15.61 -3.82
CA LYS B 13 -29.00 -16.90 -3.87
C LYS B 13 -29.53 -16.92 -5.32
N PRO B 14 -29.58 -18.14 -5.73
CA PRO B 14 -29.94 -18.57 -7.10
C PRO B 14 -31.16 -17.87 -7.67
N GLY B 15 -31.17 -17.40 -8.85
CA GLY B 15 -32.26 -16.50 -9.24
C GLY B 15 -32.19 -14.95 -9.17
N GLU B 16 -31.40 -14.56 -8.16
CA GLU B 16 -31.21 -13.11 -7.92
C GLU B 16 -30.40 -12.41 -9.03
N THR B 17 -30.51 -11.13 -9.17
CA THR B 17 -29.60 -10.54 -10.02
C THR B 17 -28.54 -9.72 -9.05
N VAL B 18 -27.31 -9.54 -9.63
CA VAL B 18 -26.15 -8.78 -9.11
C VAL B 18 -25.65 -7.79 -10.02
N LYS B 19 -25.27 -6.67 -9.49
CA LYS B 19 -24.68 -5.54 -10.47
C LYS B 19 -23.38 -4.90 -9.88
N ILE B 20 -22.16 -5.02 -10.49
CA ILE B 20 -20.75 -4.88 -9.86
C ILE B 20 -20.21 -3.75 -10.49
N SER B 21 -19.45 -2.91 -9.80
CA SER B 21 -18.99 -1.70 -10.56
C SER B 21 -17.42 -1.74 -10.68
N CYS B 22 -16.90 -0.96 -11.55
CA CYS B 22 -15.51 -0.76 -11.79
C CYS B 22 -15.30 0.72 -12.17
N LYS B 23 -14.71 1.37 -11.22
CA LYS B 23 -14.36 2.77 -11.25
C LYS B 23 -12.91 3.16 -11.65
N ALA B 24 -12.80 3.77 -12.82
CA ALA B 24 -11.56 4.26 -13.25
C ALA B 24 -10.98 5.24 -12.28
N SER B 25 -9.75 5.33 -12.30
CA SER B 25 -9.00 6.52 -11.65
C SER B 25 -7.60 6.86 -12.26
N GLY B 26 -7.40 8.14 -12.56
CA GLY B 26 -6.08 8.64 -12.95
C GLY B 26 -5.89 8.68 -14.43
N TYR B 27 -6.93 8.31 -15.13
CA TYR B 27 -6.98 8.35 -16.59
C TYR B 27 -8.23 8.72 -17.26
N THR B 28 -8.05 9.28 -18.48
CA THR B 28 -9.22 9.64 -19.23
C THR B 28 -10.05 8.39 -19.69
N PHE B 29 -11.14 8.10 -19.02
CA PHE B 29 -11.84 6.84 -19.11
C PHE B 29 -12.25 6.53 -20.61
N THR B 30 -12.63 7.62 -21.22
CA THR B 30 -13.03 7.69 -22.68
C THR B 30 -11.98 7.17 -23.69
N ASP B 31 -10.67 7.14 -23.35
CA ASP B 31 -9.60 6.84 -24.31
C ASP B 31 -9.41 5.37 -24.48
N PHE B 32 -10.15 4.53 -23.85
CA PHE B 32 -9.82 3.19 -23.91
C PHE B 32 -11.08 2.40 -23.64
N SER B 33 -11.02 1.15 -24.05
CA SER B 33 -12.10 0.40 -23.79
C SER B 33 -11.95 -0.34 -22.57
N MET B 34 -12.95 -0.98 -22.02
CA MET B 34 -12.87 -1.74 -20.78
C MET B 34 -13.22 -3.19 -21.09
N HIS B 35 -12.54 -4.19 -20.63
CA HIS B 35 -13.03 -5.44 -20.85
C HIS B 35 -13.40 -6.24 -19.57
N TRP B 36 -13.77 -7.51 -19.76
CA TRP B 36 -14.05 -8.29 -18.58
C TRP B 36 -13.72 -9.81 -18.61
N VAL B 37 -13.17 -10.33 -17.51
CA VAL B 37 -12.55 -11.48 -17.45
C VAL B 37 -12.92 -12.07 -16.22
N ASN B 38 -13.37 -13.39 -16.22
CA ASN B 38 -13.67 -14.03 -14.98
C ASN B 38 -12.90 -15.23 -14.82
N GLN B 39 -13.10 -15.95 -13.73
CA GLN B 39 -12.23 -16.99 -13.46
C GLN B 39 -12.93 -17.78 -12.28
N ALA B 40 -13.34 -19.08 -12.45
CA ALA B 40 -14.01 -19.74 -11.34
C ALA B 40 -12.94 -20.22 -10.41
N PRO B 41 -13.37 -20.53 -9.22
CA PRO B 41 -12.46 -20.95 -8.20
C PRO B 41 -11.52 -22.07 -8.71
N GLY B 42 -10.25 -21.79 -8.70
CA GLY B 42 -9.23 -22.85 -8.96
C GLY B 42 -8.97 -22.84 -10.54
N LYS B 43 -9.82 -22.20 -11.39
CA LYS B 43 -9.59 -22.33 -12.86
C LYS B 43 -8.79 -21.25 -13.44
N GLY B 44 -8.83 -21.20 -14.77
CA GLY B 44 -8.07 -20.28 -15.68
C GLY B 44 -8.93 -19.09 -16.02
N LEU B 45 -8.53 -18.30 -16.93
CA LEU B 45 -9.07 -17.03 -17.12
C LEU B 45 -10.03 -17.17 -18.40
N ASN B 46 -11.28 -16.61 -18.36
CA ASN B 46 -12.10 -16.62 -19.50
C ASN B 46 -12.42 -15.23 -19.81
N TRP B 47 -12.18 -14.85 -21.06
CA TRP B 47 -12.58 -13.48 -21.59
C TRP B 47 -14.12 -13.39 -21.81
N MET B 48 -14.78 -12.29 -21.34
CA MET B 48 -16.19 -12.17 -21.30
C MET B 48 -16.42 -11.15 -22.37
N GLY B 49 -15.66 -10.17 -22.59
CA GLY B 49 -15.96 -9.31 -23.69
C GLY B 49 -15.45 -7.88 -23.38
N TRP B 50 -16.13 -6.83 -23.84
CA TRP B 50 -15.71 -5.51 -23.73
C TRP B 50 -16.82 -4.56 -24.07
N VAL B 51 -16.64 -3.29 -23.82
CA VAL B 51 -17.46 -2.30 -24.15
C VAL B 51 -16.79 -1.12 -24.65
N ASN B 52 -17.31 -0.43 -25.65
CA ASN B 52 -16.51 0.65 -26.26
C ASN B 52 -16.84 1.80 -25.41
N THR B 53 -15.82 2.51 -24.89
CA THR B 53 -16.15 3.60 -23.95
C THR B 53 -16.48 4.81 -24.60
N GLU B 54 -16.22 4.88 -25.86
CA GLU B 54 -16.64 6.11 -26.55
C GLU B 54 -17.97 6.05 -27.46
N THR B 55 -18.81 4.99 -27.27
CA THR B 55 -20.12 4.79 -27.77
C THR B 55 -20.97 3.86 -26.96
N GLY B 56 -20.51 3.24 -25.89
CA GLY B 56 -21.44 2.34 -25.07
C GLY B 56 -21.71 0.97 -25.67
N GLU B 57 -21.22 0.74 -26.82
CA GLU B 57 -21.51 -0.57 -27.48
C GLU B 57 -20.83 -1.79 -26.84
N PRO B 58 -21.56 -2.68 -26.28
CA PRO B 58 -20.98 -3.86 -25.58
C PRO B 58 -20.91 -5.31 -26.44
N THR B 59 -19.74 -5.87 -26.80
CA THR B 59 -19.63 -7.07 -27.64
C THR B 59 -19.37 -8.06 -26.69
N TYR B 60 -20.22 -9.06 -26.58
CA TYR B 60 -20.18 -10.12 -25.68
C TYR B 60 -19.64 -11.41 -26.35
N ALA B 61 -19.08 -12.37 -25.56
CA ALA B 61 -18.36 -13.55 -26.06
C ALA B 61 -19.49 -14.58 -25.81
N ASP B 62 -19.55 -15.52 -26.78
CA ASP B 62 -20.80 -16.27 -26.83
C ASP B 62 -21.16 -16.90 -25.51
N ASP B 63 -20.16 -17.30 -24.70
CA ASP B 63 -20.41 -17.92 -23.31
C ASP B 63 -21.29 -17.07 -22.29
N PHE B 64 -21.15 -15.79 -22.45
CA PHE B 64 -21.95 -14.81 -21.60
C PHE B 64 -23.02 -13.95 -22.30
N LYS B 65 -23.38 -14.36 -23.53
CA LYS B 65 -24.55 -13.84 -24.37
C LYS B 65 -25.83 -14.37 -23.65
N GLY B 66 -26.72 -13.50 -23.23
CA GLY B 66 -27.70 -14.06 -22.34
C GLY B 66 -28.05 -13.26 -21.15
N ARG B 67 -27.85 -13.83 -20.01
CA ARG B 67 -27.83 -13.06 -18.75
C ARG B 67 -26.71 -11.97 -18.27
N PHE B 68 -25.84 -11.42 -19.15
CA PHE B 68 -24.77 -10.54 -18.75
C PHE B 68 -25.00 -9.25 -19.41
N ALA B 69 -25.06 -8.18 -18.64
CA ALA B 69 -24.88 -6.88 -19.47
C ALA B 69 -23.63 -5.96 -19.12
N PHE B 70 -23.21 -5.11 -20.05
CA PHE B 70 -22.22 -4.29 -19.82
C PHE B 70 -22.74 -2.91 -20.01
N SER B 71 -22.82 -2.12 -18.96
CA SER B 71 -23.17 -0.60 -19.17
C SER B 71 -21.99 0.30 -18.84
N LEU B 72 -22.36 1.57 -18.70
CA LEU B 72 -21.49 2.61 -18.43
C LEU B 72 -22.06 3.81 -17.62
N GLU B 73 -21.15 4.68 -17.31
CA GLU B 73 -21.40 5.98 -16.82
C GLU B 73 -20.14 6.82 -16.97
N THR B 74 -19.93 7.23 -18.17
CA THR B 74 -18.80 7.99 -18.37
C THR B 74 -18.51 9.13 -17.50
N SER B 75 -19.54 9.84 -17.14
CA SER B 75 -19.38 11.04 -16.32
C SER B 75 -18.91 10.85 -14.92
N ALA B 76 -19.31 9.73 -14.32
CA ALA B 76 -18.59 9.06 -13.17
C ALA B 76 -17.42 8.07 -13.50
N SER B 77 -17.05 8.04 -14.71
CA SER B 77 -16.09 7.26 -15.31
C SER B 77 -16.01 5.81 -14.67
N THR B 78 -17.17 5.12 -14.65
CA THR B 78 -17.47 3.81 -14.17
C THR B 78 -18.04 2.84 -15.21
N ALA B 79 -17.65 1.57 -15.12
CA ALA B 79 -18.25 0.53 -15.97
C ALA B 79 -19.03 -0.38 -15.12
N TYR B 80 -20.11 -1.07 -15.65
CA TYR B 80 -20.64 -2.01 -14.70
C TYR B 80 -20.88 -3.27 -15.37
N LEU B 81 -21.12 -4.25 -14.52
CA LEU B 81 -21.47 -5.61 -15.07
C LEU B 81 -22.70 -6.15 -14.33
N GLN B 82 -23.70 -6.59 -15.11
CA GLN B 82 -25.02 -7.10 -14.43
C GLN B 82 -25.17 -8.61 -14.70
N ILE B 83 -25.27 -9.42 -13.75
CA ILE B 83 -25.60 -10.71 -14.15
C ILE B 83 -27.08 -11.07 -13.68
N ASN B 84 -28.06 -11.24 -14.61
CA ASN B 84 -29.48 -11.83 -14.37
C ASN B 84 -29.62 -13.28 -13.83
N SER B 85 -30.63 -13.35 -13.05
CA SER B 85 -30.94 -14.65 -12.44
C SER B 85 -29.62 -15.52 -12.25
N LEU B 86 -28.97 -15.37 -11.06
CA LEU B 86 -27.73 -16.04 -10.83
C LEU B 86 -27.90 -17.54 -11.00
N LYS B 87 -26.79 -18.33 -10.86
CA LYS B 87 -26.79 -19.74 -10.66
C LYS B 87 -25.55 -20.22 -10.05
N ASN B 88 -25.54 -21.45 -9.48
CA ASN B 88 -24.33 -21.89 -8.92
C ASN B 88 -23.10 -21.50 -9.69
N GLU B 89 -23.09 -21.81 -10.96
CA GLU B 89 -21.92 -21.82 -11.75
C GLU B 89 -21.45 -20.49 -11.98
N ASP B 90 -22.27 -19.48 -11.68
CA ASP B 90 -21.70 -18.19 -11.69
C ASP B 90 -20.72 -17.79 -10.57
N THR B 91 -20.51 -18.66 -9.63
CA THR B 91 -19.50 -18.53 -8.65
C THR B 91 -18.15 -18.35 -9.22
N ALA B 92 -17.53 -17.20 -8.95
CA ALA B 92 -16.34 -16.72 -9.65
C ALA B 92 -15.91 -15.33 -9.25
N THR B 93 -14.68 -15.00 -9.65
CA THR B 93 -14.16 -13.71 -9.67
C THR B 93 -14.25 -13.21 -11.01
N TYR B 94 -14.74 -11.99 -11.10
CA TYR B 94 -14.91 -11.14 -12.21
C TYR B 94 -13.90 -9.88 -12.11
N PHE B 95 -13.21 -9.70 -13.21
CA PHE B 95 -12.39 -8.68 -13.58
C PHE B 95 -12.70 -7.73 -14.57
N CYS B 96 -12.30 -6.47 -14.32
CA CYS B 96 -12.26 -5.30 -15.20
C CYS B 96 -10.84 -4.97 -15.62
N ALA B 97 -10.67 -4.69 -16.86
CA ALA B 97 -9.35 -4.37 -17.45
C ALA B 97 -9.29 -3.45 -18.63
N ARG B 98 -8.39 -2.56 -18.51
CA ARG B 98 -8.17 -1.59 -19.50
C ARG B 98 -7.35 -2.08 -20.70
N PHE B 99 -7.85 -1.85 -21.92
CA PHE B 99 -7.10 -2.39 -23.12
C PHE B 99 -6.39 -1.13 -23.81
N LEU B 100 -5.24 -1.38 -24.24
CA LEU B 100 -4.32 -0.53 -24.83
C LEU B 100 -4.28 -1.03 -26.35
N LEU B 101 -3.91 -0.18 -27.24
CA LEU B 101 -3.52 -0.42 -28.59
C LEU B 101 -2.55 -1.51 -28.88
N ARG B 102 -1.53 -1.56 -28.13
CA ARG B 102 -0.59 -2.57 -28.31
C ARG B 102 -1.06 -3.95 -27.97
N GLN B 103 -2.31 -4.13 -27.69
CA GLN B 103 -3.06 -5.43 -27.60
C GLN B 103 -2.98 -6.30 -26.35
N TYR B 104 -2.72 -5.58 -25.26
CA TYR B 104 -2.57 -6.17 -23.89
C TYR B 104 -3.35 -5.28 -22.88
N PHE B 105 -3.75 -5.90 -21.83
CA PHE B 105 -4.24 -5.28 -20.71
C PHE B 105 -3.14 -4.79 -19.71
N ASP B 106 -3.16 -3.53 -19.41
CA ASP B 106 -2.31 -2.75 -18.52
C ASP B 106 -2.70 -2.63 -17.08
N VAL B 107 -3.98 -2.40 -16.78
CA VAL B 107 -4.51 -2.11 -15.43
C VAL B 107 -5.73 -3.02 -15.22
N TRP B 108 -5.56 -3.84 -14.24
CA TRP B 108 -6.58 -4.75 -13.75
C TRP B 108 -7.14 -4.22 -12.42
N GLY B 109 -8.44 -4.46 -12.29
CA GLY B 109 -9.22 -4.28 -10.97
C GLY B 109 -8.79 -5.36 -10.16
N ALA B 110 -9.06 -5.35 -8.92
CA ALA B 110 -8.88 -6.52 -8.12
C ALA B 110 -9.82 -7.76 -8.26
N GLY B 111 -10.88 -7.53 -8.90
CA GLY B 111 -11.90 -8.47 -9.05
C GLY B 111 -12.95 -8.40 -7.98
N THR B 112 -14.21 -8.56 -8.32
CA THR B 112 -15.27 -8.80 -7.37
C THR B 112 -15.69 -10.22 -7.37
N THR B 113 -15.68 -10.83 -6.24
CA THR B 113 -15.91 -12.23 -6.08
C THR B 113 -17.38 -12.37 -5.76
N VAL B 114 -18.12 -12.93 -6.73
CA VAL B 114 -19.48 -13.55 -6.64
C VAL B 114 -19.66 -15.02 -6.07
N THR B 115 -20.27 -15.11 -4.94
CA THR B 115 -20.61 -16.33 -4.31
C THR B 115 -22.16 -16.54 -4.43
N VAL B 116 -22.49 -17.49 -5.33
CA VAL B 116 -23.82 -18.07 -5.62
C VAL B 116 -24.35 -19.25 -4.81
N SER B 117 -25.09 -19.00 -3.79
CA SER B 117 -25.38 -20.09 -2.88
C SER B 117 -26.54 -19.68 -1.98
N SER B 118 -27.16 -20.65 -1.38
CA SER B 118 -28.38 -20.50 -0.59
C SER B 118 -27.96 -20.34 0.85
N ALA B 119 -26.77 -20.83 1.23
CA ALA B 119 -26.33 -20.81 2.63
C ALA B 119 -26.40 -19.46 3.25
N LYS B 120 -26.50 -19.49 4.54
CA LYS B 120 -26.91 -18.32 5.23
C LYS B 120 -25.68 -17.71 5.84
N THR B 121 -25.61 -16.36 5.71
CA THR B 121 -24.56 -15.54 6.34
C THR B 121 -24.53 -15.81 7.80
N THR B 122 -23.33 -16.07 8.31
CA THR B 122 -23.01 -16.38 9.71
C THR B 122 -21.61 -15.87 10.22
N PRO B 123 -21.53 -15.53 11.49
CA PRO B 123 -20.20 -15.16 11.91
C PRO B 123 -19.27 -16.23 12.40
N PRO B 124 -18.02 -15.84 12.31
CA PRO B 124 -17.08 -16.84 12.85
C PRO B 124 -17.32 -17.05 14.29
N SER B 125 -16.41 -17.67 14.94
CA SER B 125 -16.22 -17.60 16.32
C SER B 125 -14.77 -17.77 16.33
N VAL B 126 -14.08 -17.21 17.27
CA VAL B 126 -12.62 -17.41 17.09
C VAL B 126 -11.91 -18.20 18.20
N TYR B 127 -10.93 -19.01 17.99
CA TYR B 127 -10.58 -19.53 19.21
C TYR B 127 -9.13 -19.45 19.28
N PRO B 128 -8.47 -19.12 20.43
CA PRO B 128 -7.00 -19.03 20.29
C PRO B 128 -6.34 -20.31 20.43
N LEU B 129 -5.09 -20.25 20.11
CA LEU B 129 -4.48 -21.48 20.18
C LEU B 129 -3.24 -21.36 20.91
N ALA B 130 -3.26 -21.99 22.02
CA ALA B 130 -1.93 -21.91 22.64
C ALA B 130 -1.30 -23.17 23.11
N PRO B 131 0.18 -22.96 22.91
CA PRO B 131 1.24 -23.85 23.48
C PRO B 131 0.97 -24.09 24.94
N GLY B 132 0.78 -25.39 25.23
CA GLY B 132 0.30 -25.82 26.53
C GLY B 132 1.34 -25.93 27.60
N SER B 133 2.58 -26.18 27.19
CA SER B 133 3.71 -26.39 28.03
C SER B 133 3.59 -27.64 28.84
N ALA B 134 2.97 -28.62 28.15
CA ALA B 134 2.97 -30.03 28.70
C ALA B 134 4.20 -30.76 28.09
N ALA B 135 4.71 -30.81 26.79
CA ALA B 135 5.89 -31.66 26.69
C ALA B 135 7.16 -31.07 26.22
N GLN B 136 7.12 -29.99 25.44
CA GLN B 136 8.41 -29.53 24.93
C GLN B 136 8.40 -27.98 25.02
N THR B 137 9.60 -27.54 24.96
CA THR B 137 10.11 -26.16 24.80
C THR B 137 11.05 -26.15 23.63
N ASN B 138 10.76 -25.39 22.59
CA ASN B 138 11.74 -25.14 21.53
C ASN B 138 12.18 -23.66 21.56
N SER B 139 13.17 -23.21 20.85
CA SER B 139 13.62 -21.78 20.81
C SER B 139 12.44 -20.91 20.43
N MET B 140 11.72 -21.45 19.46
CA MET B 140 10.63 -20.85 18.74
C MET B 140 9.35 -21.58 19.02
N VAL B 141 8.37 -20.79 19.02
CA VAL B 141 7.02 -21.07 19.42
C VAL B 141 6.10 -20.68 18.23
N THR B 142 5.11 -21.51 18.12
CA THR B 142 4.03 -21.52 17.18
C THR B 142 2.71 -21.22 17.83
N LEU B 143 2.35 -19.93 17.83
CA LEU B 143 0.94 -19.61 18.19
C LEU B 143 0.12 -19.77 16.88
N GLY B 144 -1.15 -19.96 17.10
CA GLY B 144 -2.21 -20.24 16.17
C GLY B 144 -3.49 -19.51 16.61
N CYS B 145 -4.48 -19.27 15.75
CA CYS B 145 -5.85 -18.84 16.01
C CYS B 145 -6.56 -19.70 15.12
N LEU B 146 -7.75 -19.98 15.50
CA LEU B 146 -8.66 -20.76 14.67
C LEU B 146 -10.07 -20.19 14.53
N VAL B 147 -10.61 -20.16 13.26
CA VAL B 147 -11.82 -19.34 12.88
C VAL B 147 -12.78 -20.19 12.41
N LYS B 148 -13.79 -20.42 13.24
CA LYS B 148 -14.71 -21.57 12.97
C LYS B 148 -16.10 -21.20 12.73
N GLY B 149 -16.83 -22.00 12.01
CA GLY B 149 -18.24 -21.94 11.66
C GLY B 149 -18.85 -20.64 11.27
N TYR B 150 -18.67 -20.28 10.01
CA TYR B 150 -19.15 -19.00 9.32
C TYR B 150 -19.49 -19.18 7.82
N PHE B 151 -20.33 -18.32 7.28
CA PHE B 151 -20.59 -18.21 5.84
C PHE B 151 -20.94 -16.79 5.45
N PRO B 152 -20.75 -16.14 4.25
CA PRO B 152 -20.03 -16.66 3.12
C PRO B 152 -18.56 -16.17 3.26
N GLU B 153 -17.84 -16.46 2.17
CA GLU B 153 -16.57 -15.91 2.03
C GLU B 153 -16.47 -14.44 2.27
N PRO B 154 -15.39 -13.56 2.28
CA PRO B 154 -14.13 -13.64 3.13
C PRO B 154 -14.13 -13.27 4.53
N VAL B 155 -13.16 -13.90 5.21
CA VAL B 155 -12.55 -13.54 6.47
C VAL B 155 -11.09 -13.29 6.25
N THR B 156 -10.74 -12.12 6.65
CA THR B 156 -9.32 -11.69 6.83
C THR B 156 -8.80 -11.94 8.14
N VAL B 157 -7.61 -12.29 8.08
CA VAL B 157 -6.80 -12.47 9.24
C VAL B 157 -5.53 -11.74 9.33
N THR B 158 -5.31 -11.04 10.50
CA THR B 158 -3.95 -10.46 10.80
C THR B 158 -3.37 -10.73 12.16
N TRP B 159 -2.05 -10.63 12.27
CA TRP B 159 -1.30 -10.78 13.46
C TRP B 159 -0.66 -9.52 13.80
N ASN B 160 -0.90 -9.14 15.02
CA ASN B 160 -0.57 -7.84 15.52
C ASN B 160 -0.85 -6.77 14.46
N SER B 161 -2.11 -6.74 14.11
CA SER B 161 -2.65 -5.75 13.36
C SER B 161 -2.06 -5.61 12.06
N GLY B 162 -1.28 -6.57 11.58
CA GLY B 162 -0.39 -6.35 10.46
C GLY B 162 1.16 -6.37 10.64
N SER B 163 1.64 -5.94 11.78
CA SER B 163 2.99 -5.99 12.24
C SER B 163 3.70 -7.35 12.14
N LEU B 164 3.13 -8.45 12.70
CA LEU B 164 3.47 -9.87 12.43
C LEU B 164 2.89 -10.32 11.07
N SER B 165 3.87 -10.49 10.25
CA SER B 165 3.81 -10.80 8.84
C SER B 165 4.69 -12.08 8.67
N SER B 166 6.01 -12.00 8.91
CA SER B 166 7.05 -12.84 8.52
C SER B 166 7.07 -14.26 8.86
N GLY B 167 6.31 -14.76 9.76
CA GLY B 167 6.22 -16.24 9.72
C GLY B 167 4.85 -16.85 9.98
N VAL B 168 3.84 -16.31 9.25
CA VAL B 168 2.43 -16.65 9.32
C VAL B 168 2.19 -17.72 8.24
N HIS B 169 1.04 -18.32 8.23
CA HIS B 169 0.44 -19.35 7.34
C HIS B 169 -0.96 -19.36 7.88
N THR B 170 -1.73 -18.56 7.17
CA THR B 170 -3.23 -18.44 7.19
C THR B 170 -3.74 -19.34 6.05
N PHE B 171 -4.81 -20.03 6.21
CA PHE B 171 -5.20 -21.25 5.41
C PHE B 171 -6.40 -21.02 4.74
N PRO B 172 -6.44 -21.56 3.59
CA PRO B 172 -7.74 -21.40 2.88
C PRO B 172 -8.96 -21.96 3.59
N ALA B 173 -10.06 -21.24 3.56
CA ALA B 173 -11.22 -21.68 4.25
C ALA B 173 -11.55 -22.99 3.75
N VAL B 174 -12.30 -23.77 4.48
CA VAL B 174 -12.77 -25.06 3.87
C VAL B 174 -14.14 -25.43 4.06
N LEU B 175 -14.96 -25.36 3.00
CA LEU B 175 -16.47 -25.26 3.16
C LEU B 175 -16.81 -26.71 3.81
N GLN B 176 -17.98 -26.81 4.43
CA GLN B 176 -18.42 -28.02 5.20
C GLN B 176 -19.73 -27.74 5.87
N SER B 177 -20.81 -28.29 5.37
CA SER B 177 -22.01 -28.11 6.16
C SER B 177 -22.36 -26.69 6.10
N ASP B 178 -22.15 -26.25 4.90
CA ASP B 178 -22.55 -24.87 4.50
C ASP B 178 -22.03 -23.71 5.42
N LEU B 179 -20.72 -23.87 5.81
CA LEU B 179 -19.96 -23.26 6.86
C LEU B 179 -18.51 -23.32 6.47
N TYR B 180 -17.67 -22.46 6.98
CA TYR B 180 -16.29 -22.43 6.54
C TYR B 180 -15.36 -22.54 7.71
N THR B 181 -14.16 -23.04 7.41
CA THR B 181 -13.16 -23.04 8.49
C THR B 181 -11.81 -22.56 8.06
N LEU B 182 -11.27 -21.54 8.73
CA LEU B 182 -9.89 -21.21 8.60
C LEU B 182 -8.95 -21.53 9.71
N SER B 183 -7.75 -21.13 9.67
CA SER B 183 -7.03 -21.00 10.83
C SER B 183 -5.59 -20.28 10.55
N SER B 184 -4.98 -19.78 11.63
CA SER B 184 -3.75 -19.18 11.31
C SER B 184 -2.60 -19.60 12.14
N SER B 185 -1.41 -19.32 11.64
CA SER B 185 -0.29 -19.89 12.29
C SER B 185 0.81 -18.87 12.39
N VAL B 186 1.45 -18.73 13.56
CA VAL B 186 2.57 -17.92 13.69
C VAL B 186 3.82 -18.31 14.51
N THR B 187 4.95 -17.98 14.01
CA THR B 187 6.14 -18.38 14.62
C THR B 187 7.13 -17.18 14.98
N VAL B 188 7.27 -16.96 16.27
CA VAL B 188 7.98 -15.85 16.90
C VAL B 188 9.11 -16.41 17.76
N PRO B 189 10.39 -15.93 17.72
CA PRO B 189 11.19 -16.39 18.87
C PRO B 189 10.54 -16.04 20.26
N SER B 190 10.98 -16.92 21.20
CA SER B 190 10.34 -17.23 22.53
C SER B 190 10.92 -16.25 23.53
N SER B 191 12.13 -15.87 23.14
CA SER B 191 12.83 -14.67 23.49
C SER B 191 11.82 -13.48 23.38
N THR B 192 10.69 -13.71 22.62
CA THR B 192 9.56 -12.72 22.45
C THR B 192 8.21 -13.05 22.80
N TRP B 193 7.90 -14.26 23.18
CA TRP B 193 6.48 -14.56 23.40
C TRP B 193 5.88 -14.31 24.77
N PRO B 194 6.16 -15.19 25.66
CA PRO B 194 5.78 -14.72 27.01
C PRO B 194 5.26 -13.21 26.93
N SER B 195 6.09 -12.27 27.46
CA SER B 195 6.95 -11.12 26.89
C SER B 195 6.29 -10.04 25.99
N GLU B 196 6.50 -10.09 24.67
CA GLU B 196 5.66 -9.36 23.69
C GLU B 196 4.27 -10.02 23.57
N THR B 197 3.43 -9.43 22.81
CA THR B 197 2.07 -9.74 23.00
C THR B 197 1.80 -10.04 21.61
N VAL B 198 0.91 -10.99 21.50
CA VAL B 198 0.58 -11.51 20.19
C VAL B 198 -0.87 -11.87 20.22
N THR B 199 -1.51 -11.17 19.32
CA THR B 199 -2.89 -11.12 19.12
C THR B 199 -3.16 -11.13 17.65
N CYS B 200 -4.37 -11.63 17.30
CA CYS B 200 -4.65 -11.86 15.85
C CYS B 200 -5.85 -11.19 15.55
N ASN B 201 -6.03 -10.77 14.36
CA ASN B 201 -7.16 -9.93 14.09
C ASN B 201 -8.07 -10.58 13.05
N VAL B 202 -9.37 -10.69 13.26
CA VAL B 202 -10.11 -11.32 12.32
C VAL B 202 -11.18 -10.59 12.01
N ALA B 203 -11.40 -10.62 10.77
CA ALA B 203 -12.69 -9.83 10.33
C ALA B 203 -13.54 -10.55 9.28
N HIS B 204 -14.80 -10.33 9.34
CA HIS B 204 -15.78 -10.94 8.41
C HIS B 204 -16.69 -9.96 7.95
N PRO B 205 -16.24 -9.11 7.04
CA PRO B 205 -17.18 -8.11 6.54
C PRO B 205 -18.53 -8.75 6.56
N ALA B 206 -18.91 -9.77 5.89
CA ALA B 206 -20.43 -9.99 5.76
C ALA B 206 -21.43 -9.93 6.95
N SER B 207 -20.93 -10.45 8.10
CA SER B 207 -21.37 -10.53 9.52
C SER B 207 -20.86 -9.33 10.42
N SER B 208 -20.16 -8.41 9.81
CA SER B 208 -19.81 -7.23 10.49
C SER B 208 -19.14 -7.71 11.66
N THR B 209 -18.22 -8.58 11.50
CA THR B 209 -17.61 -9.01 12.69
C THR B 209 -16.22 -8.51 12.67
N LYS B 210 -15.82 -7.82 13.68
CA LYS B 210 -14.41 -7.65 13.94
C LYS B 210 -14.03 -8.28 15.30
N VAL B 211 -12.93 -8.94 15.40
CA VAL B 211 -12.72 -9.46 16.70
C VAL B 211 -11.27 -9.54 16.95
N ASP B 212 -10.71 -9.08 18.07
CA ASP B 212 -9.26 -9.33 18.36
C ASP B 212 -9.06 -10.48 19.34
N LYS B 213 -8.02 -11.24 19.14
CA LYS B 213 -7.71 -12.27 20.09
C LYS B 213 -6.28 -12.41 20.47
N LYS B 214 -6.02 -12.05 21.72
CA LYS B 214 -4.74 -12.13 22.31
C LYS B 214 -4.48 -13.55 22.62
N ILE B 215 -3.24 -13.95 22.47
CA ILE B 215 -3.04 -15.32 22.78
C ILE B 215 -2.29 -15.53 23.98
N VAL B 216 -2.99 -16.15 24.98
CA VAL B 216 -2.48 -16.01 26.40
C VAL B 216 -1.83 -17.22 26.81
N PRO B 217 -0.56 -17.12 27.38
CA PRO B 217 0.15 -18.40 27.68
C PRO B 217 -0.64 -19.45 28.46
N ARG B 218 -0.03 -20.62 28.54
CA ARG B 218 -0.78 -21.65 29.24
C ARG B 218 -0.34 -21.64 30.75
N LYS C 1 -7.23 -28.77 -15.00
CA LYS C 1 -7.68 -28.93 -16.40
C LYS C 1 -7.90 -30.45 -16.67
N GLU C 2 -7.72 -31.29 -15.63
CA GLU C 2 -7.03 -32.62 -15.91
C GLU C 2 -7.79 -34.00 -16.34
N GLU C 3 -8.14 -34.16 -17.67
CA GLU C 3 -8.44 -35.47 -18.37
C GLU C 3 -7.54 -36.67 -18.50
N VAL C 4 -6.23 -36.58 -18.74
CA VAL C 4 -5.29 -37.48 -18.05
C VAL C 4 -4.11 -36.55 -17.75
N THR C 5 -3.23 -37.01 -16.89
CA THR C 5 -2.01 -36.29 -16.60
C THR C 5 -0.69 -37.13 -16.80
N ILE C 6 0.15 -36.69 -17.69
CA ILE C 6 1.31 -37.35 -17.91
C ILE C 6 2.40 -36.69 -17.17
N LYS C 7 2.90 -37.23 -16.08
CA LYS C 7 4.14 -36.66 -15.32
C LYS C 7 5.41 -36.94 -15.98
N VAL C 8 6.29 -36.01 -16.20
CA VAL C 8 7.52 -36.28 -16.80
C VAL C 8 8.77 -35.80 -16.00
N ASN C 9 9.84 -36.61 -15.85
CA ASN C 9 10.99 -36.03 -15.37
C ASN C 9 11.93 -35.48 -16.34
N LEU C 10 12.13 -34.22 -16.48
CA LEU C 10 13.17 -33.81 -17.35
C LEU C 10 14.56 -33.95 -16.83
N ILE C 11 15.50 -34.64 -17.49
CA ILE C 11 16.75 -34.99 -16.97
C ILE C 11 17.81 -34.47 -17.82
N PHE C 12 18.55 -33.43 -17.50
CA PHE C 12 19.45 -32.92 -18.57
C PHE C 12 20.83 -33.51 -18.41
N ALA C 13 21.76 -33.00 -19.19
CA ALA C 13 23.11 -33.43 -19.19
C ALA C 13 23.68 -33.50 -17.73
N ASP C 14 23.94 -32.35 -17.14
CA ASP C 14 24.75 -32.30 -15.92
C ASP C 14 23.76 -32.73 -14.77
N GLY C 15 22.90 -33.67 -15.10
CA GLY C 15 21.94 -34.22 -14.10
C GLY C 15 20.95 -33.25 -13.43
N LYS C 16 20.92 -31.90 -13.69
CA LYS C 16 19.79 -31.12 -13.14
C LYS C 16 18.52 -31.85 -13.46
N ILE C 17 17.50 -31.76 -12.63
CA ILE C 17 16.23 -32.35 -12.92
C ILE C 17 15.03 -31.31 -12.80
N GLN C 18 14.06 -31.20 -13.84
CA GLN C 18 12.87 -30.37 -13.75
C GLN C 18 11.85 -31.37 -13.87
N THR C 19 10.60 -31.04 -13.64
CA THR C 19 9.53 -32.02 -13.72
C THR C 19 8.23 -31.40 -14.14
N ALA C 20 7.46 -32.09 -14.98
CA ALA C 20 6.49 -31.41 -15.72
C ALA C 20 5.37 -32.24 -15.69
N GLU C 21 4.18 -31.62 -15.61
CA GLU C 21 2.99 -32.32 -15.93
C GLU C 21 2.24 -31.97 -17.24
N PHE C 22 1.46 -33.06 -17.77
CA PHE C 22 0.62 -32.79 -19.01
C PHE C 22 -0.87 -33.10 -18.94
N LYS C 23 -1.54 -32.13 -19.33
CA LYS C 23 -2.87 -31.83 -19.61
C LYS C 23 -3.41 -32.41 -20.67
N GLY C 24 -4.44 -33.20 -20.40
CA GLY C 24 -5.37 -33.58 -21.48
C GLY C 24 -5.80 -35.02 -21.80
N THR C 25 -6.09 -35.36 -23.10
CA THR C 25 -6.31 -36.80 -23.46
C THR C 25 -4.97 -37.49 -23.49
N PHE C 26 -4.99 -38.76 -23.12
CA PHE C 26 -3.74 -39.54 -23.12
C PHE C 26 -2.92 -39.17 -24.38
N GLU C 27 -3.53 -38.91 -25.52
CA GLU C 27 -2.77 -38.74 -26.70
C GLU C 27 -2.44 -37.25 -26.92
N GLU C 28 -3.25 -36.20 -26.62
CA GLU C 28 -2.69 -34.89 -26.97
C GLU C 28 -1.58 -34.61 -25.96
N ALA C 29 -1.78 -35.15 -24.78
CA ALA C 29 -0.84 -35.01 -23.69
C ALA C 29 0.61 -35.64 -23.91
N THR C 30 0.59 -36.98 -24.18
CA THR C 30 1.75 -37.63 -24.64
C THR C 30 2.37 -36.86 -25.75
N ALA C 31 1.63 -36.17 -26.54
CA ALA C 31 2.34 -35.48 -27.64
C ALA C 31 2.93 -34.15 -27.26
N GLU C 32 2.18 -33.38 -26.49
CA GLU C 32 2.75 -32.09 -25.98
C GLU C 32 3.99 -32.39 -25.19
N ALA C 33 3.93 -33.53 -24.45
CA ALA C 33 5.26 -34.07 -23.82
C ALA C 33 6.37 -34.22 -24.78
N TYR C 34 6.11 -34.83 -25.93
CA TYR C 34 7.23 -35.01 -26.80
C TYR C 34 7.46 -33.82 -27.43
N ARG C 35 6.49 -33.00 -27.53
CA ARG C 35 6.85 -31.74 -28.41
C ARG C 35 7.63 -30.72 -27.53
N TYR C 36 7.32 -30.75 -26.24
CA TYR C 36 8.01 -29.99 -25.22
C TYR C 36 9.44 -30.57 -25.29
N ALA C 37 9.62 -31.85 -25.01
CA ALA C 37 11.09 -32.34 -25.19
C ALA C 37 11.85 -31.86 -26.38
N ASP C 38 11.19 -31.72 -27.48
CA ASP C 38 11.87 -31.27 -28.61
C ASP C 38 12.16 -29.99 -28.58
N LEU C 39 11.28 -29.26 -28.03
CA LEU C 39 11.65 -27.76 -27.97
C LEU C 39 12.98 -27.54 -27.14
N LEU C 40 13.10 -28.31 -26.02
CA LEU C 40 14.21 -28.26 -25.13
C LEU C 40 15.40 -28.82 -25.88
N ALA C 41 15.09 -29.85 -26.70
CA ALA C 41 16.14 -30.47 -27.51
C ALA C 41 16.93 -29.44 -28.15
N LYS C 42 16.27 -28.42 -28.57
CA LYS C 42 16.93 -27.60 -29.53
C LYS C 42 18.26 -27.09 -29.01
N VAL C 43 18.26 -26.71 -27.72
CA VAL C 43 19.44 -26.29 -26.93
C VAL C 43 20.05 -27.52 -26.14
N ASN C 44 19.27 -28.36 -25.51
CA ASN C 44 19.85 -29.29 -24.66
C ASN C 44 20.27 -30.63 -25.38
N GLY C 45 19.98 -30.64 -26.78
CA GLY C 45 20.08 -31.78 -27.71
C GLY C 45 19.15 -32.96 -27.49
N GLU C 46 19.49 -34.10 -28.04
CA GLU C 46 18.72 -35.26 -28.37
C GLU C 46 18.47 -36.02 -27.15
N TYR C 47 17.36 -36.69 -27.11
CA TYR C 47 17.01 -37.38 -25.95
C TYR C 47 16.56 -38.84 -26.08
N THR C 48 16.22 -39.57 -25.04
CA THR C 48 15.78 -40.87 -25.00
C THR C 48 14.86 -40.89 -23.89
N TRP C 49 14.17 -41.97 -23.55
CA TRP C 49 13.21 -41.81 -22.58
C TRP C 49 12.79 -43.21 -22.19
N ASP C 50 12.13 -43.44 -21.12
CA ASP C 50 11.61 -44.71 -20.88
C ASP C 50 10.29 -44.50 -20.21
N LEU C 51 9.27 -45.23 -20.43
CA LEU C 51 7.90 -44.93 -20.05
C LEU C 51 7.57 -45.96 -18.99
N GLU C 52 6.75 -45.63 -17.99
CA GLU C 52 6.63 -46.43 -16.76
C GLU C 52 5.19 -46.32 -16.39
N ASP C 53 4.59 -47.19 -15.63
CA ASP C 53 3.15 -46.91 -15.27
C ASP C 53 2.26 -46.66 -16.55
N GLY C 54 2.32 -47.63 -17.45
CA GLY C 54 1.23 -47.69 -18.40
C GLY C 54 1.38 -46.54 -19.37
N GLY C 55 2.60 -45.96 -19.45
CA GLY C 55 2.92 -44.70 -20.19
C GLY C 55 2.43 -43.35 -19.60
N ASN C 56 1.96 -43.47 -18.36
CA ASN C 56 1.32 -42.43 -17.62
C ASN C 56 2.25 -41.78 -16.69
N HIS C 57 3.53 -42.18 -16.80
CA HIS C 57 4.78 -41.47 -16.38
C HIS C 57 5.99 -41.52 -17.38
N MET C 58 6.91 -40.53 -17.50
CA MET C 58 7.90 -40.61 -18.53
C MET C 58 9.18 -39.89 -18.10
N ASN C 59 10.36 -40.43 -18.38
CA ASN C 59 11.58 -39.86 -17.93
C ASN C 59 12.25 -39.58 -19.23
N ILE C 60 12.87 -38.49 -19.51
CA ILE C 60 13.32 -38.16 -20.78
C ILE C 60 14.71 -37.65 -20.52
N LYS C 61 15.72 -38.18 -21.15
CA LYS C 61 17.10 -37.91 -20.78
C LYS C 61 17.70 -37.20 -21.85
N PHE C 62 18.16 -36.03 -21.58
CA PHE C 62 18.90 -35.30 -22.60
C PHE C 62 20.43 -35.54 -22.55
N ALA C 63 21.05 -35.43 -23.76
CA ALA C 63 22.34 -36.00 -24.09
C ALA C 63 23.25 -34.89 -24.00
N GLY C 64 22.72 -33.79 -23.80
CA GLY C 64 23.66 -32.74 -23.67
C GLY C 64 24.12 -32.25 -24.96
N LYS C 65 24.42 -30.99 -24.94
CA LYS C 65 25.17 -30.15 -25.98
C LYS C 65 24.65 -30.32 -27.38
N ASP D 1 8.08 33.05 -19.20
CA ASP D 1 7.71 32.78 -17.86
C ASP D 1 6.49 33.60 -17.64
N ILE D 2 5.34 32.98 -18.02
CA ILE D 2 4.06 33.29 -17.34
C ILE D 2 4.20 33.43 -15.75
N VAL D 3 3.32 34.23 -15.18
CA VAL D 3 3.37 34.37 -13.75
C VAL D 3 2.03 34.12 -13.28
N MET D 4 2.06 33.24 -12.17
CA MET D 4 0.77 32.67 -11.73
C MET D 4 0.44 33.13 -10.41
N SER D 5 -0.67 33.78 -10.32
CA SER D 5 -1.14 34.24 -9.03
C SER D 5 -2.30 33.41 -8.22
N GLN D 6 -2.01 33.00 -6.97
CA GLN D 6 -3.12 32.31 -6.36
C GLN D 6 -3.67 33.01 -5.19
N SER D 7 -4.95 32.85 -4.98
CA SER D 7 -5.56 33.55 -3.88
C SER D 7 -6.73 32.82 -3.13
N PRO D 8 -6.77 32.93 -1.86
CA PRO D 8 -5.71 33.37 -1.01
C PRO D 8 -4.57 32.54 -0.66
N SER D 9 -3.82 32.91 0.43
CA SER D 9 -2.72 32.12 0.79
C SER D 9 -3.08 30.94 1.57
N SER D 10 -4.09 31.11 2.47
CA SER D 10 -4.62 30.02 3.30
C SER D 10 -6.02 30.24 3.57
N LEU D 11 -6.70 29.24 3.99
CA LEU D 11 -8.17 29.42 4.15
C LEU D 11 -8.64 28.34 5.11
N ALA D 12 -9.81 28.61 5.73
CA ALA D 12 -10.32 27.69 6.78
C ALA D 12 -11.75 27.58 6.77
N VAL D 13 -12.14 26.37 6.58
CA VAL D 13 -13.58 26.17 6.33
C VAL D 13 -14.00 25.02 7.13
N SER D 14 -15.20 25.03 7.47
CA SER D 14 -15.63 24.05 8.42
C SER D 14 -16.20 22.91 7.51
N ALA D 15 -16.30 21.70 8.11
CA ALA D 15 -16.62 20.43 7.35
C ALA D 15 -17.93 20.57 6.67
N GLY D 16 -18.12 20.54 5.36
CA GLY D 16 -19.51 20.62 4.76
C GLY D 16 -19.85 21.78 3.82
N GLU D 17 -19.00 22.78 4.04
CA GLU D 17 -19.14 24.05 3.39
C GLU D 17 -18.51 24.04 2.06
N LYS D 18 -18.88 25.08 1.32
CA LYS D 18 -18.22 25.16 0.00
C LYS D 18 -16.96 26.10 -0.03
N VAL D 19 -15.88 25.85 -0.72
CA VAL D 19 -14.83 26.87 -0.85
C VAL D 19 -14.34 27.12 -2.19
N THR D 20 -13.96 28.36 -2.36
CA THR D 20 -13.51 28.90 -3.70
C THR D 20 -12.03 29.35 -3.64
N MET D 21 -11.27 28.99 -4.61
CA MET D 21 -9.88 29.51 -4.73
C MET D 21 -9.72 30.11 -6.01
N SER D 22 -8.75 30.98 -6.04
CA SER D 22 -8.46 31.56 -7.40
C SER D 22 -7.04 31.53 -7.89
N CYS D 23 -7.04 31.60 -9.26
CA CYS D 23 -5.79 31.54 -10.05
C CYS D 23 -5.81 32.53 -11.20
N LYS D 24 -4.65 33.24 -11.32
CA LYS D 24 -4.54 34.22 -12.30
C LYS D 24 -3.25 34.10 -12.97
N SER D 25 -3.35 33.83 -14.25
CA SER D 25 -2.18 34.06 -15.18
C SER D 25 -1.97 35.53 -15.60
N SER D 26 -0.70 35.81 -15.84
CA SER D 26 -0.15 37.02 -16.12
C SER D 26 -0.59 37.11 -17.59
N GLN D 27 -1.10 36.08 -18.21
CA GLN D 27 -1.65 36.25 -19.60
C GLN D 27 -2.53 35.02 -20.06
N SER D 28 -3.14 35.11 -21.19
CA SER D 28 -3.97 34.13 -21.70
C SER D 28 -3.24 32.78 -21.75
N LEU D 29 -3.99 31.71 -21.49
CA LEU D 29 -3.53 30.33 -21.55
C LEU D 29 -4.42 29.48 -22.50
N LEU D 30 -5.10 30.16 -23.43
CA LEU D 30 -5.94 29.51 -24.44
C LEU D 30 -5.12 28.97 -25.64
N ASN D 31 -5.48 27.76 -26.15
CA ASN D 31 -4.82 27.17 -27.36
C ASN D 31 -5.63 26.83 -28.59
N SER D 32 -5.05 27.35 -29.67
CA SER D 32 -5.75 27.84 -30.91
C SER D 32 -6.44 26.64 -31.57
N ARG D 33 -5.56 25.56 -31.61
CA ARG D 33 -5.77 24.19 -32.22
C ARG D 33 -6.96 23.57 -31.55
N THR D 34 -6.81 23.43 -30.17
CA THR D 34 -7.74 22.69 -29.28
C THR D 34 -8.79 23.59 -28.79
N ARG D 35 -8.52 24.88 -28.61
CA ARG D 35 -9.57 25.86 -28.03
C ARG D 35 -9.93 25.50 -26.48
N LYS D 36 -8.81 25.08 -25.85
CA LYS D 36 -8.66 24.58 -24.55
C LYS D 36 -7.73 25.51 -23.79
N ASN D 37 -8.22 25.95 -22.62
CA ASN D 37 -7.13 26.40 -21.67
C ASN D 37 -6.03 25.33 -20.98
N TYR D 38 -4.75 25.65 -20.95
CA TYR D 38 -3.65 24.73 -20.52
C TYR D 38 -3.25 25.24 -19.19
N LEU D 39 -4.22 25.08 -18.29
CA LEU D 39 -4.10 25.34 -16.79
C LEU D 39 -4.57 24.16 -16.06
N ALA D 40 -3.77 23.63 -15.12
CA ALA D 40 -4.17 22.43 -14.30
C ALA D 40 -3.99 22.60 -12.89
N TRP D 41 -4.95 22.07 -12.14
CA TRP D 41 -4.83 22.17 -10.58
C TRP D 41 -4.31 20.88 -9.92
N TYR D 42 -3.40 20.96 -8.96
CA TYR D 42 -2.84 19.84 -8.37
C TYR D 42 -2.99 19.99 -6.88
N GLN D 43 -3.30 18.92 -6.15
CA GLN D 43 -3.37 18.85 -4.63
C GLN D 43 -2.12 18.18 -4.24
N GLN D 44 -1.56 18.61 -3.16
CA GLN D 44 -0.44 17.93 -2.62
C GLN D 44 -0.58 18.05 -1.14
N LYS D 45 -0.31 16.93 -0.44
CA LYS D 45 -0.50 16.73 1.02
C LYS D 45 0.84 16.48 1.64
N PRO D 46 0.87 16.73 2.86
CA PRO D 46 2.21 16.73 3.45
C PRO D 46 3.00 15.52 3.05
N GLY D 47 4.20 15.65 2.65
CA GLY D 47 5.05 14.37 2.68
C GLY D 47 4.97 13.59 1.35
N GLN D 48 3.99 14.03 0.53
CA GLN D 48 3.65 13.42 -0.78
C GLN D 48 3.92 14.15 -2.00
N SER D 49 3.83 13.42 -3.08
CA SER D 49 3.94 14.02 -4.43
C SER D 49 2.71 14.67 -4.84
N PRO D 50 2.69 15.70 -5.52
CA PRO D 50 1.37 16.30 -5.79
C PRO D 50 0.49 15.41 -6.71
N LYS D 51 -0.75 15.78 -6.91
CA LYS D 51 -1.74 14.98 -7.64
C LYS D 51 -2.73 15.77 -8.35
N VAL D 52 -2.94 15.47 -9.60
CA VAL D 52 -3.76 16.38 -10.39
C VAL D 52 -5.16 16.26 -9.99
N LEU D 53 -5.90 17.34 -10.07
CA LEU D 53 -7.44 17.33 -9.84
C LEU D 53 -7.98 17.77 -11.18
N ILE D 54 -7.50 18.81 -11.80
CA ILE D 54 -8.14 19.33 -12.94
C ILE D 54 -7.23 19.70 -13.95
N TYR D 55 -7.63 19.59 -15.17
CA TYR D 55 -6.76 20.06 -16.30
C TYR D 55 -7.62 20.60 -17.41
N TRP D 56 -7.05 21.33 -18.35
CA TRP D 56 -7.99 22.14 -19.24
C TRP D 56 -8.95 23.12 -18.55
N ALA D 57 -8.63 23.47 -17.33
CA ALA D 57 -9.36 24.35 -16.42
C ALA D 57 -10.64 23.80 -16.02
N SER D 58 -11.24 22.94 -16.73
CA SER D 58 -12.57 22.45 -16.23
C SER D 58 -12.86 20.85 -16.27
N THR D 59 -11.81 20.14 -16.77
CA THR D 59 -12.00 18.70 -16.90
C THR D 59 -11.39 18.14 -15.62
N ARG D 60 -12.20 17.56 -14.89
CA ARG D 60 -11.75 16.78 -13.68
C ARG D 60 -11.15 15.40 -14.11
N GLU D 61 -10.12 15.00 -13.55
CA GLU D 61 -9.59 13.71 -13.79
C GLU D 61 -10.55 12.59 -13.12
N SER D 62 -10.71 11.40 -13.77
CA SER D 62 -11.39 10.33 -13.11
C SER D 62 -10.92 9.97 -11.78
N GLY D 63 -11.84 9.66 -10.89
CA GLY D 63 -11.55 9.18 -9.49
C GLY D 63 -11.45 10.28 -8.55
N VAL D 64 -11.48 11.51 -9.13
CA VAL D 64 -11.45 12.77 -8.28
C VAL D 64 -12.86 13.11 -7.91
N PRO D 65 -13.12 13.35 -6.61
CA PRO D 65 -14.54 13.51 -6.08
C PRO D 65 -15.23 14.55 -6.79
N ASP D 66 -16.42 14.34 -7.31
CA ASP D 66 -17.15 15.39 -8.16
C ASP D 66 -17.53 16.63 -7.38
N ARG D 67 -17.15 16.57 -6.10
CA ARG D 67 -17.24 17.83 -5.32
C ARG D 67 -16.11 18.89 -5.62
N PHE D 68 -15.15 18.59 -6.52
CA PHE D 68 -14.09 19.60 -6.96
C PHE D 68 -14.61 19.96 -8.35
N THR D 69 -14.54 21.23 -8.63
CA THR D 69 -14.82 21.76 -9.95
C THR D 69 -13.97 22.90 -10.17
N GLY D 70 -13.42 23.01 -11.32
CA GLY D 70 -12.72 24.24 -11.62
C GLY D 70 -13.34 24.97 -12.88
N ARG D 71 -13.22 26.31 -12.76
CA ARG D 71 -13.84 27.18 -13.65
C ARG D 71 -12.65 28.01 -14.03
N GLY D 72 -12.85 28.71 -15.12
CA GLY D 72 -11.89 29.70 -15.62
C GLY D 72 -11.90 29.85 -17.15
N SER D 73 -11.35 30.93 -17.71
CA SER D 73 -11.03 31.08 -19.15
C SER D 73 -10.16 32.29 -19.43
N GLY D 74 -9.29 32.15 -20.42
CA GLY D 74 -8.23 33.13 -20.56
C GLY D 74 -7.23 33.27 -19.49
N THR D 75 -7.50 34.08 -18.40
CA THR D 75 -6.39 34.28 -17.35
C THR D 75 -6.94 34.27 -15.95
N ASP D 76 -8.28 34.21 -15.87
CA ASP D 76 -8.85 34.03 -14.55
C ASP D 76 -9.44 32.61 -14.26
N PHE D 77 -8.92 31.92 -13.22
CA PHE D 77 -9.39 30.64 -12.89
C PHE D 77 -9.85 30.36 -11.49
N THR D 78 -10.76 29.40 -11.36
CA THR D 78 -11.12 28.91 -10.02
C THR D 78 -11.18 27.43 -9.64
N LEU D 79 -10.85 27.15 -8.40
CA LEU D 79 -11.09 25.79 -8.00
C LEU D 79 -12.18 25.87 -6.93
N THR D 80 -13.28 25.16 -6.97
CA THR D 80 -14.21 25.07 -5.84
C THR D 80 -14.33 23.68 -5.24
N ILE D 81 -14.45 23.65 -3.94
CA ILE D 81 -14.69 22.39 -3.24
C ILE D 81 -16.02 22.36 -2.44
N SER D 82 -17.09 21.77 -2.99
CA SER D 82 -18.40 21.96 -2.43
C SER D 82 -18.91 21.29 -1.10
N SER D 83 -18.05 20.58 -0.46
CA SER D 83 -18.40 20.02 0.70
C SER D 83 -17.06 19.51 1.52
N VAL D 84 -16.16 20.51 1.69
CA VAL D 84 -14.95 20.28 2.21
C VAL D 84 -15.14 19.37 3.44
N GLN D 85 -14.14 18.51 3.61
CA GLN D 85 -13.96 17.61 4.67
C GLN D 85 -12.42 17.37 4.84
N ALA D 86 -12.10 16.82 6.04
CA ALA D 86 -10.76 16.58 6.53
C ALA D 86 -9.70 16.07 5.45
N GLU D 87 -10.16 15.24 4.55
CA GLU D 87 -9.20 14.57 3.67
C GLU D 87 -8.69 15.63 2.61
N ASP D 88 -9.35 16.80 2.49
CA ASP D 88 -9.01 17.91 1.68
C ASP D 88 -7.92 18.85 2.17
N GLN D 89 -7.54 18.58 3.34
CA GLN D 89 -6.63 19.50 3.93
C GLN D 89 -5.42 19.35 3.22
N ALA D 90 -4.94 20.33 2.66
CA ALA D 90 -3.54 20.18 1.90
C ALA D 90 -3.18 21.50 1.27
N VAL D 91 -2.22 21.54 0.35
CA VAL D 91 -1.98 22.69 -0.44
C VAL D 91 -2.54 22.45 -1.89
N TYR D 92 -3.27 23.36 -2.47
CA TYR D 92 -3.69 23.28 -3.89
C TYR D 92 -2.89 24.30 -4.86
N TYR D 93 -2.26 23.82 -5.90
CA TYR D 93 -1.31 24.55 -6.80
C TYR D 93 -2.02 24.61 -8.22
N CYS D 94 -1.91 25.78 -8.86
CA CYS D 94 -2.32 25.89 -10.27
C CYS D 94 -1.03 25.87 -11.15
N LYS D 95 -1.09 25.28 -12.35
CA LYS D 95 0.08 25.13 -13.19
C LYS D 95 -0.33 25.35 -14.63
N GLN D 96 0.43 26.16 -15.40
CA GLN D 96 0.11 26.52 -16.82
C GLN D 96 1.14 25.94 -17.59
N ALA D 97 0.68 25.43 -18.67
CA ALA D 97 1.60 24.79 -19.57
C ALA D 97 1.38 25.34 -21.06
N TYR D 98 0.81 26.57 -21.10
CA TYR D 98 0.56 27.27 -22.34
C TYR D 98 1.89 27.42 -23.15
N ILE D 99 2.81 28.09 -22.45
CA ILE D 99 4.13 28.28 -22.92
C ILE D 99 5.19 28.05 -21.87
N PRO D 100 6.09 27.38 -22.33
CA PRO D 100 7.22 27.08 -21.54
C PRO D 100 7.95 28.23 -21.17
N PRO D 101 8.64 28.28 -20.07
CA PRO D 101 8.72 27.16 -19.17
C PRO D 101 7.37 27.03 -18.38
N LEU D 102 7.13 25.77 -17.92
CA LEU D 102 5.79 25.55 -17.17
C LEU D 102 5.97 26.24 -15.81
N THR D 103 4.92 26.86 -15.33
CA THR D 103 5.04 27.41 -14.02
C THR D 103 3.89 27.28 -13.14
N PHE D 104 4.23 27.06 -11.87
CA PHE D 104 3.22 26.84 -10.97
C PHE D 104 2.87 28.21 -10.35
N GLY D 105 1.69 28.24 -9.75
CA GLY D 105 1.35 29.20 -8.71
C GLY D 105 1.96 28.89 -7.37
N ALA D 106 1.89 29.80 -6.35
CA ALA D 106 2.59 29.72 -5.07
C ALA D 106 1.92 28.73 -4.11
N GLY D 107 0.57 28.67 -4.08
CA GLY D 107 -0.12 27.76 -3.31
C GLY D 107 -1.32 28.33 -2.61
N THR D 108 -2.28 27.52 -2.34
CA THR D 108 -3.39 27.99 -1.44
C THR D 108 -3.53 26.89 -0.36
N LYS D 109 -3.03 27.03 0.90
CA LYS D 109 -3.22 26.14 2.02
C LYS D 109 -4.74 26.06 2.43
N LEU D 110 -5.21 24.87 2.63
CA LEU D 110 -6.65 24.61 2.88
C LEU D 110 -6.74 23.84 4.17
N GLU D 111 -7.12 24.49 5.31
CA GLU D 111 -7.17 23.97 6.71
C GLU D 111 -8.57 23.76 7.04
N LEU D 112 -8.87 22.77 7.83
CA LEU D 112 -10.39 22.60 8.18
C LEU D 112 -10.57 23.35 9.40
N LYS D 113 -11.70 23.97 9.49
CA LYS D 113 -12.23 24.53 10.81
C LYS D 113 -13.09 23.52 11.61
N ARG D 114 -12.93 23.50 12.95
CA ARG D 114 -13.51 22.49 13.91
C ARG D 114 -13.77 23.23 15.35
N ALA D 115 -14.46 22.47 16.28
CA ALA D 115 -14.74 22.74 17.65
C ALA D 115 -13.45 23.01 18.30
N ASP D 116 -13.41 23.98 19.21
CA ASP D 116 -12.13 24.31 19.85
C ASP D 116 -11.84 23.04 20.76
N ALA D 117 -10.62 22.83 21.33
CA ALA D 117 -10.45 21.62 22.07
C ALA D 117 -9.15 21.82 22.60
N ALA D 118 -9.07 21.74 23.90
CA ALA D 118 -7.88 22.03 24.78
C ALA D 118 -6.82 21.10 24.49
N PRO D 119 -5.57 21.45 24.72
CA PRO D 119 -4.43 20.52 24.63
C PRO D 119 -4.55 19.31 25.59
N THR D 120 -3.80 18.24 25.45
CA THR D 120 -3.71 17.20 26.45
C THR D 120 -2.22 17.20 26.80
N VAL D 121 -1.92 17.77 27.95
CA VAL D 121 -0.54 18.01 28.23
C VAL D 121 0.08 16.91 29.14
N SER D 122 1.28 16.49 28.74
CA SER D 122 2.07 15.54 29.42
C SER D 122 3.41 15.98 29.59
N ILE D 123 3.88 15.86 30.82
CA ILE D 123 5.27 16.13 31.08
C ILE D 123 5.96 14.94 31.48
N PHE D 124 7.19 14.91 31.08
CA PHE D 124 8.04 13.75 31.34
C PHE D 124 9.45 14.20 31.59
N PRO D 125 10.23 13.49 32.41
CA PRO D 125 11.63 13.89 32.77
C PRO D 125 12.66 13.24 32.07
N PRO D 126 13.86 13.65 32.31
CA PRO D 126 14.95 13.02 31.54
C PRO D 126 14.98 11.48 31.73
N SER D 127 15.23 10.65 30.72
CA SER D 127 15.62 9.24 30.94
C SER D 127 16.90 9.01 31.73
N SER D 128 16.89 7.96 32.58
CA SER D 128 18.09 7.50 33.42
C SER D 128 19.52 7.81 32.76
N GLU D 129 19.90 6.93 31.79
CA GLU D 129 21.08 7.04 30.90
C GLU D 129 21.40 8.33 30.03
N GLN D 130 20.33 9.11 29.71
CA GLN D 130 20.62 10.37 29.17
C GLN D 130 21.66 11.17 30.06
N LEU D 131 21.36 11.31 31.39
CA LEU D 131 22.20 11.95 32.47
C LEU D 131 23.49 11.13 32.49
N THR D 132 23.37 9.78 32.61
CA THR D 132 24.57 8.95 32.39
C THR D 132 25.64 9.65 31.49
N SER D 133 25.29 10.50 30.48
CA SER D 133 26.38 11.13 29.61
C SER D 133 26.48 12.80 29.82
N GLY D 134 25.71 13.35 30.75
CA GLY D 134 25.72 14.78 30.90
C GLY D 134 24.37 15.51 30.53
N GLY D 135 23.60 14.96 29.55
CA GLY D 135 22.41 15.66 29.01
C GLY D 135 21.20 15.69 29.93
N ALA D 136 20.42 16.72 29.87
CA ALA D 136 19.07 16.49 30.40
C ALA D 136 17.89 17.01 29.65
N SER D 137 17.02 16.11 29.28
CA SER D 137 15.96 16.79 28.67
C SER D 137 14.75 16.42 29.26
N VAL D 138 13.92 17.39 29.30
CA VAL D 138 12.62 17.21 29.82
C VAL D 138 11.66 17.54 28.71
N VAL D 139 10.58 16.76 28.56
CA VAL D 139 9.77 16.89 27.36
C VAL D 139 8.35 17.16 27.73
N CYS D 140 7.62 17.93 26.95
CA CYS D 140 6.22 18.14 27.19
C CYS D 140 5.42 18.01 25.87
N PHE D 141 4.29 17.36 25.86
CA PHE D 141 3.53 17.32 24.72
C PHE D 141 2.31 18.11 24.98
N LEU D 142 1.73 18.73 23.95
CA LEU D 142 0.40 19.39 24.01
C LEU D 142 -0.42 18.87 22.82
N ASN D 143 -0.79 17.59 22.88
CA ASN D 143 -1.60 17.05 21.90
C ASN D 143 -3.12 17.34 21.77
N ASN D 144 -3.51 17.50 20.50
CA ASN D 144 -4.83 17.61 19.97
C ASN D 144 -5.63 18.84 20.37
N PHE D 145 -5.12 20.01 20.12
CA PHE D 145 -5.95 21.20 20.30
C PHE D 145 -6.38 21.77 18.99
N TYR D 146 -7.18 22.80 19.14
CA TYR D 146 -7.62 23.68 18.06
C TYR D 146 -7.99 25.15 18.62
N PRO D 147 -7.48 26.27 18.12
CA PRO D 147 -6.67 26.42 16.96
C PRO D 147 -5.30 26.32 17.26
N LYS D 148 -4.54 26.56 16.23
CA LYS D 148 -3.26 26.05 16.11
C LYS D 148 -2.32 26.86 16.95
N ASP D 149 -2.89 27.96 17.46
CA ASP D 149 -2.30 29.02 18.24
C ASP D 149 -2.33 28.61 19.66
N ILE D 150 -1.14 28.46 20.14
CA ILE D 150 -0.87 28.22 21.48
C ILE D 150 0.51 28.83 21.84
N ASN D 151 0.56 29.05 23.19
CA ASN D 151 1.73 29.65 23.95
C ASN D 151 2.36 28.72 25.09
N VAL D 152 3.66 28.73 25.17
CA VAL D 152 4.20 27.71 26.03
C VAL D 152 5.54 28.03 26.67
N LYS D 153 5.38 28.10 28.04
CA LYS D 153 6.51 28.42 28.94
C LYS D 153 6.92 27.25 29.81
N TRP D 154 8.24 27.29 29.96
CA TRP D 154 9.03 26.53 30.91
C TRP D 154 9.47 27.34 32.14
N LYS D 155 8.65 27.17 33.23
CA LYS D 155 8.99 27.41 34.68
C LYS D 155 9.74 26.22 35.36
N ILE D 156 11.12 26.40 35.40
CA ILE D 156 12.16 25.85 36.45
C ILE D 156 12.04 26.55 37.96
N ASP D 157 10.82 26.24 38.51
CA ASP D 157 10.18 26.90 39.66
C ASP D 157 10.18 28.46 39.53
N GLY D 158 8.95 29.09 39.43
CA GLY D 158 8.62 30.55 39.36
C GLY D 158 9.23 31.27 38.19
N SER D 159 10.57 31.28 38.20
CA SER D 159 11.38 31.72 37.08
C SER D 159 11.35 30.68 35.89
N GLU D 160 11.59 31.25 34.71
CA GLU D 160 11.31 30.80 33.39
C GLU D 160 12.59 30.38 32.80
N ARG D 161 12.57 29.99 31.52
CA ARG D 161 13.84 29.54 30.94
C ARG D 161 13.76 29.59 29.37
N GLN D 162 14.74 30.19 28.69
CA GLN D 162 14.53 30.46 27.34
C GLN D 162 15.68 29.86 26.68
N ASN D 163 16.68 29.54 27.44
CA ASN D 163 17.81 28.77 26.95
C ASN D 163 17.58 27.17 26.82
N GLY D 164 18.40 26.50 25.94
CA GLY D 164 18.14 25.21 25.28
C GLY D 164 16.64 24.72 25.22
N VAL D 165 15.71 25.38 24.49
CA VAL D 165 14.30 24.91 24.22
C VAL D 165 14.03 24.66 22.70
N LEU D 166 13.32 23.61 22.38
CA LEU D 166 13.01 23.36 20.97
C LEU D 166 11.55 22.98 20.86
N ASN D 167 10.98 23.57 19.88
CA ASN D 167 9.58 23.33 19.61
C ASN D 167 9.33 22.68 18.32
N SER D 168 8.04 22.32 18.01
CA SER D 168 7.80 21.49 16.88
C SER D 168 6.39 21.24 16.76
N TRP D 169 5.79 21.67 15.69
CA TRP D 169 4.38 21.50 15.59
C TRP D 169 4.09 20.54 14.45
N THR D 170 2.97 19.83 14.48
CA THR D 170 2.66 18.88 13.47
C THR D 170 1.67 19.58 12.54
N ASP D 171 1.41 19.11 11.33
CA ASP D 171 0.41 19.69 10.40
C ASP D 171 -0.90 19.15 10.76
N GLN D 172 -1.91 19.87 10.39
CA GLN D 172 -3.26 19.52 10.73
C GLN D 172 -3.61 18.01 10.57
N ASP D 173 -3.81 17.15 11.58
CA ASP D 173 -4.12 15.73 11.55
C ASP D 173 -5.18 15.48 10.49
N SER D 174 -5.01 14.38 9.89
CA SER D 174 -5.78 14.06 8.82
C SER D 174 -7.18 13.41 9.19
N LYS D 175 -7.46 13.14 10.44
CA LYS D 175 -8.79 12.58 10.91
C LYS D 175 -9.59 13.52 11.77
N ASP D 176 -9.02 13.99 12.87
CA ASP D 176 -9.75 14.81 13.81
C ASP D 176 -9.34 16.24 13.68
N SER D 177 -8.71 16.62 12.54
CA SER D 177 -8.31 17.96 12.16
C SER D 177 -7.67 18.85 13.33
N THR D 178 -6.91 18.33 14.30
CA THR D 178 -6.46 19.16 15.43
C THR D 178 -4.98 19.26 15.29
N TYR D 179 -4.34 20.10 16.09
CA TYR D 179 -2.87 20.30 15.95
C TYR D 179 -2.17 19.88 17.29
N SER D 180 -0.83 19.74 17.30
CA SER D 180 -0.13 19.13 18.48
C SER D 180 1.25 19.52 18.43
N MET D 181 1.87 19.52 19.61
CA MET D 181 3.12 20.27 19.68
C MET D 181 4.25 19.51 20.39
N SER D 182 5.50 19.49 20.03
CA SER D 182 6.43 18.94 20.93
C SER D 182 7.21 19.95 21.54
N SER D 183 7.26 19.91 22.88
CA SER D 183 8.32 20.64 23.68
C SER D 183 9.51 19.93 24.40
N THR D 184 10.69 20.16 23.92
CA THR D 184 11.81 19.77 24.62
C THR D 184 12.82 20.78 25.26
N LEU D 185 12.98 20.65 26.63
CA LEU D 185 13.89 21.44 27.54
C LEU D 185 15.11 20.73 27.76
N THR D 186 16.24 21.30 27.36
CA THR D 186 17.45 20.58 27.36
C THR D 186 18.37 21.26 28.26
N LEU D 187 19.01 20.54 29.21
CA LEU D 187 19.96 21.11 30.21
C LEU D 187 21.28 20.30 30.39
N THR D 188 22.10 20.70 31.33
CA THR D 188 23.17 19.83 31.65
C THR D 188 22.55 19.01 32.76
N LYS D 189 23.05 17.80 33.03
CA LYS D 189 22.70 17.02 34.31
C LYS D 189 23.06 17.89 35.53
N ASP D 190 24.26 18.49 35.46
CA ASP D 190 24.62 19.55 36.43
C ASP D 190 23.39 20.51 36.71
N GLU D 191 22.93 21.28 35.70
CA GLU D 191 21.94 22.34 35.96
C GLU D 191 20.68 21.63 36.42
N TYR D 192 20.49 20.42 35.90
CA TYR D 192 19.24 19.73 36.03
C TYR D 192 19.15 19.34 37.51
N GLU D 193 20.21 18.64 37.91
CA GLU D 193 20.38 18.24 39.33
C GLU D 193 20.48 19.48 40.35
N ARG D 194 20.96 20.64 39.91
CA ARG D 194 20.92 21.81 40.77
C ARG D 194 19.60 22.54 40.76
N HIS D 195 18.51 21.83 40.67
CA HIS D 195 17.27 22.56 40.90
C HIS D 195 16.06 21.64 41.12
N ASN D 196 14.88 22.09 41.49
CA ASN D 196 14.06 20.99 41.88
C ASN D 196 12.70 20.89 41.26
N SER D 197 11.95 21.97 41.24
CA SER D 197 10.70 21.98 40.35
C SER D 197 11.01 22.22 38.78
N TYR D 198 10.16 21.57 37.94
CA TYR D 198 10.16 21.60 36.43
C TYR D 198 8.78 21.51 36.00
N THR D 199 8.42 22.58 35.31
CA THR D 199 7.01 22.82 34.93
C THR D 199 6.86 23.30 33.40
N CYS D 200 5.66 23.08 32.84
CA CYS D 200 5.49 23.63 31.53
C CYS D 200 4.16 24.24 31.47
N GLU D 201 4.02 25.45 30.91
CA GLU D 201 2.67 25.94 30.87
C GLU D 201 2.11 26.32 29.57
N ALA D 202 0.95 25.76 29.44
CA ALA D 202 0.30 25.91 28.28
C ALA D 202 -0.84 26.89 28.28
N THR D 203 -0.58 27.95 27.46
CA THR D 203 -1.59 28.95 27.00
C THR D 203 -2.49 28.76 25.71
N HIS D 204 -3.79 28.58 25.90
CA HIS D 204 -4.69 28.44 24.73
C HIS D 204 -6.06 29.02 25.04
N LYS D 205 -6.69 29.54 24.00
CA LYS D 205 -7.88 30.25 24.21
C LYS D 205 -9.05 29.34 24.66
N THR D 206 -8.75 28.14 25.10
CA THR D 206 -9.80 27.34 25.72
C THR D 206 -10.00 27.56 27.24
N SER D 207 -9.18 28.41 27.83
CA SER D 207 -9.44 28.84 29.18
C SER D 207 -8.58 30.04 29.26
N THR D 208 -8.98 30.90 30.18
CA THR D 208 -8.19 32.08 30.64
C THR D 208 -7.15 31.61 31.73
N SER D 209 -7.51 30.46 32.30
CA SER D 209 -6.69 29.63 33.15
C SER D 209 -5.58 28.82 32.39
N PRO D 210 -4.31 29.35 32.39
CA PRO D 210 -3.21 28.64 31.76
C PRO D 210 -3.03 27.25 32.31
N ILE D 211 -3.81 26.17 31.92
CA ILE D 211 -3.32 24.73 31.95
C ILE D 211 -1.79 24.46 31.98
N VAL D 212 -1.47 23.68 33.02
CA VAL D 212 -0.10 23.48 33.52
C VAL D 212 0.18 21.98 34.02
N LYS D 213 1.48 21.71 34.18
CA LYS D 213 1.79 20.41 34.55
C LYS D 213 3.17 20.51 35.07
N SER D 214 3.43 19.64 36.04
CA SER D 214 4.75 19.65 36.55
C SER D 214 5.02 18.35 37.24
N PHE D 215 6.35 18.18 37.38
CA PHE D 215 7.11 17.14 38.10
C PHE D 215 8.29 17.80 38.92
N ASN D 216 8.33 17.31 40.20
CA ASN D 216 9.44 17.50 41.15
C ASN D 216 10.59 16.53 41.03
N ARG D 217 11.79 17.04 41.12
CA ARG D 217 12.93 16.32 40.69
C ARG D 217 13.26 15.20 41.61
N ASN D 218 13.08 15.48 42.92
CA ASN D 218 13.53 14.50 44.07
C ASN D 218 12.25 13.94 44.59
N GLU D 219 11.42 13.43 43.69
CA GLU D 219 10.31 12.63 44.10
C GLU D 219 10.05 11.53 43.15
N CYS D 220 10.96 11.22 42.20
CA CYS D 220 10.46 10.15 41.22
C CYS D 220 10.88 8.65 41.61
N GLN E 1 0.98 -2.59 -12.08
CA GLN E 1 0.96 -1.12 -11.53
C GLN E 1 1.79 -0.13 -12.35
N ILE E 2 1.26 1.10 -12.64
CA ILE E 2 1.85 2.07 -13.49
C ILE E 2 2.61 2.95 -12.59
N GLN E 3 3.91 3.07 -12.72
CA GLN E 3 4.55 3.94 -11.73
C GLN E 3 5.99 4.46 -12.09
N LEU E 4 6.65 5.23 -11.21
CA LEU E 4 7.92 5.90 -11.31
C LEU E 4 8.46 5.79 -9.92
N VAL E 5 9.42 4.94 -9.77
CA VAL E 5 10.08 4.71 -8.54
C VAL E 5 11.39 5.32 -8.66
N GLN E 6 11.57 6.37 -7.91
CA GLN E 6 12.90 7.10 -7.67
C GLN E 6 13.79 6.54 -6.52
N SER E 7 15.14 6.76 -6.70
CA SER E 7 16.11 6.28 -5.72
C SER E 7 16.12 7.01 -4.52
N GLY E 8 16.83 6.47 -3.52
CA GLY E 8 16.78 7.11 -2.16
C GLY E 8 17.52 8.40 -1.93
N PRO E 9 17.43 8.91 -0.66
CA PRO E 9 17.89 10.28 -0.32
C PRO E 9 19.47 10.29 -0.18
N GLU E 10 20.03 11.27 -0.86
CA GLU E 10 21.41 11.57 -0.96
C GLU E 10 21.78 12.76 -0.04
N LEU E 11 22.79 12.47 0.72
CA LEU E 11 23.55 13.46 1.38
C LEU E 11 24.89 13.62 0.54
N LYS E 12 24.92 14.77 -0.07
CA LYS E 12 26.21 15.28 -0.73
C LYS E 12 26.83 16.63 -0.18
N LYS E 13 28.15 16.60 -0.10
CA LYS E 13 29.03 17.85 0.11
C LYS E 13 29.09 18.84 -1.02
N PRO E 14 29.21 20.06 -0.55
CA PRO E 14 29.31 21.18 -1.52
C PRO E 14 30.21 20.98 -2.72
N GLY E 15 29.68 21.42 -3.82
CA GLY E 15 30.42 21.00 -5.01
C GLY E 15 30.62 19.55 -5.50
N GLU E 16 30.13 18.54 -4.81
CA GLU E 16 30.06 17.24 -5.51
C GLU E 16 29.05 17.14 -6.55
N THR E 17 29.02 15.90 -7.07
CA THR E 17 28.03 15.34 -7.98
C THR E 17 27.26 14.04 -7.49
N VAL E 18 25.96 14.12 -7.82
CA VAL E 18 24.88 13.22 -7.47
C VAL E 18 23.98 12.93 -8.66
N LYS E 19 23.70 11.67 -8.79
CA LYS E 19 22.90 11.22 -9.99
C LYS E 19 21.68 10.33 -9.65
N ILE E 20 20.47 10.85 -9.79
CA ILE E 20 19.31 10.19 -9.12
C ILE E 20 18.56 9.41 -10.13
N SER E 21 18.00 8.22 -9.84
CA SER E 21 17.22 7.55 -10.85
C SER E 21 15.64 7.65 -10.69
N CYS E 22 14.91 7.32 -11.85
CA CYS E 22 13.49 7.34 -11.95
C CYS E 22 13.22 6.22 -12.84
N LYS E 23 12.88 5.05 -12.31
CA LYS E 23 12.58 3.91 -13.15
C LYS E 23 11.04 3.71 -13.40
N ALA E 24 10.67 3.61 -14.64
CA ALA E 24 9.39 3.55 -15.10
C ALA E 24 8.82 2.13 -14.94
N SER E 25 7.54 2.03 -14.63
CA SER E 25 7.00 0.60 -14.61
C SER E 25 5.49 0.54 -15.00
N GLY E 26 5.17 -0.46 -15.70
CA GLY E 26 3.88 -0.63 -16.25
C GLY E 26 3.44 0.12 -17.50
N TYR E 27 4.28 0.94 -18.05
CA TYR E 27 3.98 1.55 -19.29
C TYR E 27 5.13 1.60 -20.24
N THR E 28 4.84 1.92 -21.46
CA THR E 28 5.83 1.93 -22.56
C THR E 28 6.54 3.30 -22.48
N PHE E 29 7.75 3.26 -22.03
CA PHE E 29 8.54 4.40 -21.69
C PHE E 29 8.69 5.39 -22.71
N THR E 30 8.90 4.92 -23.91
CA THR E 30 9.10 5.87 -25.01
C THR E 30 7.96 6.54 -25.50
N ASP E 31 6.73 6.46 -24.89
CA ASP E 31 5.50 7.13 -25.44
C ASP E 31 5.28 8.45 -24.68
N PHE E 32 6.16 8.85 -23.74
CA PHE E 32 5.81 10.07 -23.06
C PHE E 32 7.11 10.68 -22.59
N SER E 33 6.94 11.88 -22.13
CA SER E 33 8.10 12.56 -21.82
C SER E 33 8.26 12.62 -20.50
N MET E 34 9.41 12.53 -19.93
CA MET E 34 9.64 12.71 -18.52
C MET E 34 10.13 14.03 -18.23
N HIS E 35 9.42 14.69 -17.29
CA HIS E 35 9.69 15.97 -16.74
C HIS E 35 10.21 15.96 -15.25
N TRP E 36 10.70 17.10 -14.74
CA TRP E 36 11.40 17.11 -13.47
C TRP E 36 10.97 18.39 -12.75
N VAL E 37 10.34 18.22 -11.62
CA VAL E 37 9.79 19.31 -10.82
C VAL E 37 10.52 19.14 -9.50
N ASN E 38 10.85 20.25 -8.92
CA ASN E 38 11.58 20.30 -7.69
C ASN E 38 11.05 21.22 -6.76
N GLN E 39 11.29 20.95 -5.48
CA GLN E 39 10.58 21.66 -4.41
C GLN E 39 11.46 21.64 -3.18
N ALA E 40 11.60 22.81 -2.73
CA ALA E 40 12.52 23.14 -1.70
C ALA E 40 11.76 23.01 -0.29
N PRO E 41 12.43 22.80 0.82
CA PRO E 41 11.66 22.69 2.07
C PRO E 41 10.63 23.86 2.43
N GLY E 42 9.46 23.46 2.93
CA GLY E 42 8.49 24.52 3.21
C GLY E 42 8.04 25.32 1.97
N LYS E 43 8.63 25.01 0.81
CA LYS E 43 8.35 25.84 -0.54
C LYS E 43 7.42 25.23 -1.52
N GLY E 44 7.41 25.72 -2.71
CA GLY E 44 6.52 25.19 -3.63
C GLY E 44 6.56 25.01 -5.05
N LEU E 45 7.23 24.04 -5.55
CA LEU E 45 7.02 23.48 -6.95
C LEU E 45 7.78 24.20 -8.03
N ASN E 46 8.94 23.76 -8.49
CA ASN E 46 9.56 24.42 -9.60
C ASN E 46 9.83 23.51 -10.64
N TRP E 47 9.36 23.89 -11.76
CA TRP E 47 9.59 23.13 -13.05
C TRP E 47 11.05 23.27 -13.61
N MET E 48 11.88 22.24 -13.58
CA MET E 48 13.24 22.19 -13.97
C MET E 48 13.26 22.00 -15.47
N GLY E 49 12.32 21.25 -16.07
CA GLY E 49 12.20 20.91 -17.46
C GLY E 49 11.94 19.43 -17.87
N TRP E 50 12.27 19.01 -19.07
CA TRP E 50 12.02 17.75 -19.49
C TRP E 50 13.04 17.14 -20.32
N VAL E 51 12.73 15.94 -20.77
CA VAL E 51 13.65 15.12 -21.55
C VAL E 51 12.94 14.22 -22.49
N ASN E 52 13.29 14.31 -23.76
CA ASN E 52 12.67 13.42 -24.76
C ASN E 52 13.14 12.00 -24.52
N THR E 53 12.15 11.11 -24.28
CA THR E 53 12.58 9.74 -23.98
C THR E 53 12.78 9.03 -25.20
N GLU E 54 11.97 9.42 -26.17
CA GLU E 54 12.24 9.05 -27.60
C GLU E 54 13.74 9.39 -28.26
N THR E 55 14.53 10.30 -27.71
CA THR E 55 15.65 10.81 -28.37
C THR E 55 16.96 10.92 -27.45
N GLY E 56 16.72 11.14 -26.14
CA GLY E 56 17.77 11.67 -25.26
C GLY E 56 17.77 13.21 -25.24
N GLU E 57 16.88 13.90 -25.97
CA GLU E 57 16.93 15.38 -25.94
C GLU E 57 16.45 16.36 -24.71
N PRO E 58 17.41 16.80 -23.92
CA PRO E 58 17.18 17.81 -22.89
C PRO E 58 16.47 19.12 -23.24
N THR E 59 15.65 19.76 -22.45
CA THR E 59 15.27 21.08 -22.77
C THR E 59 15.16 21.68 -21.44
N TYR E 60 16.29 22.09 -20.77
CA TYR E 60 16.33 22.84 -19.47
C TYR E 60 15.64 24.14 -19.40
N ALA E 61 15.29 24.59 -18.28
CA ALA E 61 14.63 25.89 -18.16
C ALA E 61 15.58 26.83 -17.57
N ASP E 62 15.24 28.11 -17.66
CA ASP E 62 16.29 29.11 -17.58
C ASP E 62 17.06 28.90 -16.30
N ASP E 63 16.32 28.60 -15.26
CA ASP E 63 17.05 28.63 -13.96
C ASP E 63 17.88 27.36 -13.74
N PHE E 64 18.01 26.43 -14.71
CA PHE E 64 18.49 25.04 -14.55
C PHE E 64 19.23 24.67 -15.82
N LYS E 65 20.48 24.97 -15.75
CA LYS E 65 21.36 25.21 -16.95
C LYS E 65 22.68 25.27 -16.31
N GLY E 66 23.59 24.63 -17.00
CA GLY E 66 24.97 24.50 -16.64
C GLY E 66 25.08 23.16 -15.99
N ARG E 67 24.73 23.27 -14.74
CA ARG E 67 24.88 22.23 -13.73
C ARG E 67 23.88 20.94 -13.78
N PHE E 68 22.70 21.06 -14.49
CA PHE E 68 21.77 19.93 -14.50
C PHE E 68 21.72 19.27 -15.73
N ALA E 69 21.78 17.97 -15.61
CA ALA E 69 21.58 17.07 -16.75
C ALA E 69 20.54 15.84 -16.55
N PHE E 70 19.67 15.68 -17.54
CA PHE E 70 18.72 14.61 -17.80
C PHE E 70 19.33 13.58 -18.88
N SER E 71 19.73 12.40 -18.51
CA SER E 71 19.84 11.43 -19.44
C SER E 71 18.69 10.27 -19.41
N LEU E 72 19.02 9.16 -20.09
CA LEU E 72 18.29 7.97 -20.25
C LEU E 72 19.03 6.67 -20.37
N GLU E 73 18.24 5.65 -20.22
CA GLU E 73 18.70 4.33 -20.45
C GLU E 73 17.49 3.58 -20.87
N THR E 74 17.01 3.89 -22.13
CA THR E 74 15.75 3.42 -22.63
C THR E 74 15.74 1.94 -22.44
N SER E 75 16.80 1.36 -22.75
CA SER E 75 16.83 -0.09 -22.76
C SER E 75 16.19 -0.62 -21.44
N ALA E 76 16.54 -0.06 -20.25
CA ALA E 76 16.03 -0.36 -18.90
C ALA E 76 14.93 0.62 -18.37
N SER E 77 14.34 1.34 -19.26
CA SER E 77 13.31 2.19 -18.94
C SER E 77 13.52 3.13 -17.83
N THR E 78 14.75 3.45 -17.60
CA THR E 78 15.05 4.42 -16.58
C THR E 78 15.49 5.82 -17.06
N ALA E 79 15.17 6.87 -16.40
CA ALA E 79 15.56 8.18 -16.74
C ALA E 79 16.46 8.65 -15.48
N TYR E 80 17.36 9.57 -15.71
CA TYR E 80 18.29 10.01 -14.62
C TYR E 80 18.35 11.51 -14.79
N LEU E 81 18.85 11.95 -13.69
CA LEU E 81 19.12 13.40 -13.39
C LEU E 81 20.43 13.53 -12.71
N GLN E 82 21.33 14.18 -13.38
CA GLN E 82 22.57 14.68 -12.60
C GLN E 82 22.64 16.00 -12.47
N ILE E 83 23.02 16.31 -11.27
CA ILE E 83 23.32 17.73 -10.80
C ILE E 83 24.78 17.95 -10.65
N ASN E 84 25.36 19.02 -11.22
CA ASN E 84 26.90 19.29 -11.10
C ASN E 84 27.23 20.43 -10.38
N SER E 85 28.35 20.17 -9.65
CA SER E 85 28.93 21.19 -8.72
C SER E 85 27.78 21.52 -7.65
N LEU E 86 27.45 20.57 -6.86
CA LEU E 86 26.38 20.98 -5.88
C LEU E 86 26.57 22.33 -5.14
N LYS E 87 25.44 23.05 -4.94
CA LYS E 87 25.24 24.01 -3.80
C LYS E 87 24.14 23.78 -2.53
N ASN E 88 24.35 24.46 -1.40
CA ASN E 88 23.48 24.21 -0.29
C ASN E 88 22.09 24.49 -0.78
N GLU E 89 22.01 25.50 -1.63
CA GLU E 89 20.75 26.00 -2.08
C GLU E 89 20.10 25.01 -3.04
N ASP E 90 20.89 24.16 -3.71
CA ASP E 90 20.40 22.91 -4.27
C ASP E 90 19.59 21.89 -3.40
N THR E 91 19.75 21.91 -2.07
CA THR E 91 19.08 21.06 -1.22
C THR E 91 17.53 21.02 -1.47
N ALA E 92 16.95 19.92 -2.01
CA ALA E 92 15.44 19.84 -2.23
C ALA E 92 14.89 18.52 -2.42
N THR E 93 13.59 18.41 -2.65
CA THR E 93 13.15 17.15 -3.33
C THR E 93 12.93 17.20 -4.80
N TYR E 94 13.45 16.26 -5.51
CA TYR E 94 13.32 16.20 -7.00
C TYR E 94 12.39 15.11 -7.47
N PHE E 95 11.40 15.58 -8.12
CA PHE E 95 10.43 14.67 -8.62
C PHE E 95 10.69 14.49 -10.01
N CYS E 96 10.64 13.26 -10.52
CA CYS E 96 10.15 12.99 -11.92
C CYS E 96 8.61 12.75 -12.15
N ALA E 97 8.08 13.14 -13.26
CA ALA E 97 6.76 13.05 -13.47
C ALA E 97 6.53 12.81 -15.01
N ARG E 98 5.62 11.93 -15.41
CA ARG E 98 5.19 11.69 -16.73
C ARG E 98 4.22 12.71 -17.20
N PHE E 99 4.34 13.25 -18.44
CA PHE E 99 3.49 14.28 -18.95
C PHE E 99 2.55 13.85 -20.04
N LEU E 100 1.32 14.24 -20.15
CA LEU E 100 0.44 13.85 -21.20
C LEU E 100 0.11 15.04 -22.10
N LEU E 101 -0.40 14.63 -23.24
CA LEU E 101 -0.74 15.59 -24.25
C LEU E 101 -1.79 16.59 -23.82
N ARG E 102 -2.83 16.17 -23.13
CA ARG E 102 -3.75 17.11 -22.59
C ARG E 102 -3.10 18.09 -21.55
N GLN E 103 -1.75 18.01 -21.44
CA GLN E 103 -0.92 18.91 -20.72
C GLN E 103 -0.96 18.87 -19.20
N TYR E 104 -1.18 17.70 -18.64
CA TYR E 104 -0.91 17.57 -17.18
C TYR E 104 -0.08 16.36 -16.91
N PHE E 105 0.62 16.31 -15.83
CA PHE E 105 1.36 15.16 -15.28
C PHE E 105 0.36 14.20 -14.64
N ASP E 106 0.54 13.03 -14.95
CA ASP E 106 -0.45 12.06 -14.53
C ASP E 106 0.15 10.99 -13.59
N VAL E 107 1.51 10.84 -13.53
CA VAL E 107 2.15 9.96 -12.65
C VAL E 107 3.47 10.63 -12.12
N TRP E 108 3.72 10.35 -10.88
CA TRP E 108 4.76 11.06 -10.11
C TRP E 108 5.51 10.10 -9.31
N GLY E 109 6.85 10.25 -9.27
CA GLY E 109 7.72 9.37 -8.45
C GLY E 109 7.45 10.06 -7.18
N ALA E 110 8.01 9.55 -6.14
CA ALA E 110 7.71 9.94 -4.77
C ALA E 110 8.79 10.95 -4.43
N GLY E 111 9.84 11.11 -5.27
CA GLY E 111 10.63 12.20 -4.78
C GLY E 111 11.99 11.81 -4.23
N THR E 112 13.12 12.38 -4.80
CA THR E 112 14.41 11.98 -4.24
C THR E 112 14.93 13.22 -3.51
N THR E 113 14.97 13.16 -2.21
CA THR E 113 15.38 14.22 -1.33
C THR E 113 16.92 14.32 -1.26
N VAL E 114 17.49 15.42 -1.86
CA VAL E 114 18.93 15.63 -2.02
C VAL E 114 19.27 16.74 -1.01
N THR E 115 20.07 16.42 -0.04
CA THR E 115 20.57 17.26 0.98
C THR E 115 22.10 17.54 0.69
N VAL E 116 22.43 18.74 0.24
CA VAL E 116 23.77 19.34 0.14
C VAL E 116 24.12 20.14 1.52
N SER E 117 25.02 19.54 2.28
CA SER E 117 25.50 20.08 3.52
C SER E 117 26.87 19.49 3.67
N SER E 118 27.77 20.29 4.18
CA SER E 118 29.17 19.75 4.64
C SER E 118 29.27 18.89 5.93
N ALA E 119 28.19 19.00 6.69
CA ALA E 119 28.06 18.38 7.96
C ALA E 119 28.13 16.87 7.82
N LYS E 120 28.41 16.30 9.00
CA LYS E 120 28.89 14.96 9.06
C LYS E 120 27.83 14.14 9.75
N THR E 121 27.47 13.09 9.04
CA THR E 121 26.61 11.97 9.46
C THR E 121 26.77 11.37 10.89
N THR E 122 25.71 11.21 11.51
CA THR E 122 25.88 10.95 12.95
C THR E 122 24.61 10.37 13.44
N PRO E 123 24.74 9.15 13.90
CA PRO E 123 23.67 8.48 14.55
C PRO E 123 22.93 9.22 15.57
N PRO E 124 21.63 8.86 15.86
CA PRO E 124 20.84 9.43 16.97
C PRO E 124 21.03 8.63 18.19
N SER E 125 20.54 9.06 19.34
CA SER E 125 20.33 8.17 20.45
C SER E 125 18.76 8.23 20.70
N VAL E 126 18.30 7.21 21.30
CA VAL E 126 16.91 7.23 21.76
C VAL E 126 16.67 7.21 23.22
N TYR E 127 15.90 8.12 23.75
CA TYR E 127 15.72 8.09 25.17
C TYR E 127 14.27 8.03 25.25
N PRO E 128 13.77 7.06 26.03
CA PRO E 128 12.28 6.77 26.33
C PRO E 128 11.65 7.76 27.35
N LEU E 129 10.46 8.16 27.09
CA LEU E 129 9.82 9.07 27.87
C LEU E 129 8.64 8.30 28.54
N ALA E 130 8.59 8.42 29.82
CA ALA E 130 7.76 7.65 30.71
C ALA E 130 6.89 8.53 31.64
N PRO E 131 5.62 7.87 31.73
CA PRO E 131 4.92 8.46 32.89
C PRO E 131 5.47 8.14 34.25
N GLY E 132 5.73 9.16 35.07
CA GLY E 132 6.20 9.11 36.42
C GLY E 132 5.56 10.06 37.41
N SER E 133 4.57 10.75 36.92
CA SER E 133 3.70 11.68 37.64
C SER E 133 2.40 10.99 38.10
N ALA E 134 1.64 11.69 38.94
CA ALA E 134 0.30 11.10 39.23
C ALA E 134 -0.69 11.19 38.09
N ALA E 135 -1.05 9.99 37.61
CA ALA E 135 -2.01 9.77 36.52
C ALA E 135 -2.87 8.50 36.68
N GLN E 136 -3.98 8.58 36.03
CA GLN E 136 -5.23 7.93 36.00
C GLN E 136 -6.28 8.71 35.18
N THR E 137 -6.93 9.65 35.79
CA THR E 137 -8.16 10.31 35.62
C THR E 137 -8.35 11.35 34.58
N ASN E 138 -7.35 12.23 34.52
CA ASN E 138 -7.47 13.48 33.74
C ASN E 138 -7.37 13.19 32.29
N SER E 139 -6.85 11.91 32.04
CA SER E 139 -6.67 11.30 30.72
C SER E 139 -7.09 9.83 30.36
N MET E 140 -6.17 9.29 29.49
CA MET E 140 -5.23 8.17 29.54
C MET E 140 -3.78 8.50 29.84
N VAL E 141 -2.89 7.60 29.36
CA VAL E 141 -1.43 7.90 29.38
C VAL E 141 -0.81 8.08 27.90
N THR E 142 0.51 8.33 27.88
CA THR E 142 1.19 8.77 26.77
C THR E 142 2.62 8.47 27.14
N LEU E 143 3.38 7.95 26.19
CA LEU E 143 4.83 7.97 26.44
C LEU E 143 5.49 8.49 25.16
N GLY E 144 6.83 8.41 25.08
CA GLY E 144 7.47 8.59 23.82
C GLY E 144 8.93 8.49 23.62
N CYS E 145 9.40 8.84 22.45
CA CYS E 145 10.79 8.64 22.23
C CYS E 145 11.30 9.89 21.88
N LEU E 146 12.48 10.10 22.36
CA LEU E 146 13.23 11.26 21.95
C LEU E 146 14.51 10.90 21.30
N VAL E 147 14.53 11.14 19.98
CA VAL E 147 15.57 10.64 19.14
C VAL E 147 16.47 11.86 18.93
N LYS E 148 17.63 11.89 19.59
CA LYS E 148 18.35 13.17 19.48
C LYS E 148 19.77 13.02 18.88
N GLY E 149 20.15 13.91 18.01
CA GLY E 149 21.52 14.22 17.67
C GLY E 149 21.93 13.43 16.44
N TYR E 150 21.05 13.53 15.41
CA TYR E 150 21.38 12.79 14.14
C TYR E 150 21.53 13.68 13.01
N PHE E 151 22.17 13.12 12.01
CA PHE E 151 22.21 13.83 10.76
C PHE E 151 22.64 12.87 9.70
N PRO E 152 21.96 12.82 8.55
CA PRO E 152 20.80 13.65 8.18
C PRO E 152 19.33 13.20 8.47
N GLU E 153 18.29 13.92 7.95
CA GLU E 153 16.91 13.97 8.45
C GLU E 153 15.95 12.72 8.11
N PRO E 154 16.38 11.85 7.24
CA PRO E 154 15.52 10.67 7.15
C PRO E 154 15.79 9.92 8.50
N VAL E 155 14.93 10.16 9.51
CA VAL E 155 14.58 9.08 10.36
C VAL E 155 13.12 8.79 10.62
N THR E 156 12.75 7.48 10.63
CA THR E 156 11.38 6.99 10.96
C THR E 156 11.32 6.27 12.33
N VAL E 157 10.10 6.25 12.81
CA VAL E 157 9.74 5.83 14.15
C VAL E 157 8.45 4.91 14.15
N THR E 158 8.54 3.77 14.77
CA THR E 158 7.29 3.19 15.09
C THR E 158 7.17 2.62 16.63
N TRP E 159 5.91 2.36 16.87
CA TRP E 159 5.65 1.80 18.16
C TRP E 159 5.08 0.32 18.06
N ASN E 160 5.88 -0.61 18.70
CA ASN E 160 5.62 -2.14 18.64
C ASN E 160 5.33 -2.55 17.13
N SER E 161 6.48 -2.57 16.46
CA SER E 161 6.52 -2.33 15.03
C SER E 161 5.33 -1.85 14.20
N GLY E 162 4.68 -0.71 14.46
CA GLY E 162 3.46 -0.40 13.71
C GLY E 162 2.07 -1.08 14.17
N SER E 163 2.17 -1.96 15.23
CA SER E 163 0.94 -2.37 15.98
C SER E 163 -0.25 -1.22 16.32
N LEU E 164 0.26 -0.11 16.90
CA LEU E 164 -0.51 1.07 17.40
C LEU E 164 -0.25 2.18 16.49
N SER E 165 -1.28 2.58 15.81
CA SER E 165 -1.00 3.59 14.85
C SER E 165 -1.76 4.94 15.00
N SER E 166 -2.79 4.92 15.80
CA SER E 166 -3.61 6.14 15.99
C SER E 166 -3.24 6.71 17.29
N GLY E 167 -3.51 7.99 17.39
CA GLY E 167 -3.03 8.63 18.59
C GLY E 167 -1.48 8.49 18.70
N VAL E 168 -0.83 8.49 17.55
CA VAL E 168 0.57 8.76 17.64
C VAL E 168 0.96 10.18 17.08
N HIS E 169 2.00 10.81 17.55
CA HIS E 169 2.36 12.03 16.74
C HIS E 169 3.79 12.02 16.64
N THR E 170 4.30 11.85 15.45
CA THR E 170 5.71 11.99 15.34
C THR E 170 5.99 13.39 14.84
N PHE E 171 6.79 14.09 15.60
CA PHE E 171 6.94 15.52 15.34
C PHE E 171 8.08 15.72 14.33
N PRO E 172 7.93 16.79 13.66
CA PRO E 172 8.93 17.16 12.69
C PRO E 172 10.26 17.38 13.33
N ALA E 173 11.23 16.84 12.75
CA ALA E 173 12.58 16.94 13.29
C ALA E 173 13.13 18.37 13.26
N VAL E 174 13.69 18.93 14.27
CA VAL E 174 14.17 20.31 14.29
C VAL E 174 15.76 20.40 14.26
N LEU E 175 16.28 21.42 13.53
CA LEU E 175 17.78 21.58 13.24
C LEU E 175 18.42 22.56 14.26
N GLN E 176 19.45 22.04 14.95
CA GLN E 176 20.28 22.88 15.78
C GLN E 176 21.74 22.36 15.81
N SER E 177 22.64 23.27 15.38
CA SER E 177 24.06 23.03 15.19
C SER E 177 24.38 21.68 14.54
N ASP E 178 24.01 21.65 13.25
CA ASP E 178 24.24 20.52 12.39
C ASP E 178 23.65 19.17 12.97
N LEU E 179 22.79 19.16 14.01
CA LEU E 179 22.14 17.99 14.44
C LEU E 179 20.66 18.18 14.74
N TYR E 180 19.94 17.03 14.67
CA TYR E 180 18.48 17.06 14.64
C TYR E 180 17.97 16.28 15.80
N THR E 181 16.80 16.70 16.25
CA THR E 181 16.07 16.17 17.35
C THR E 181 14.58 16.00 17.05
N LEU E 182 14.10 14.82 17.46
CA LEU E 182 12.78 14.53 17.17
C LEU E 182 12.18 13.81 18.25
N SER E 183 10.92 13.89 18.26
CA SER E 183 10.34 13.02 19.23
C SER E 183 8.97 12.48 18.69
N SER E 184 8.48 11.39 19.37
CA SER E 184 7.12 10.96 19.12
C SER E 184 6.39 10.52 20.27
N SER E 185 5.08 10.61 20.16
CA SER E 185 4.23 10.37 21.28
C SER E 185 3.02 9.49 20.88
N VAL E 186 2.45 8.76 21.85
CA VAL E 186 1.49 7.65 21.69
C VAL E 186 0.60 7.67 22.92
N THR E 187 -0.67 7.67 22.70
CA THR E 187 -1.73 7.72 23.74
C THR E 187 -2.38 6.37 23.87
N VAL E 188 -2.18 5.69 25.01
CA VAL E 188 -2.71 4.37 25.09
C VAL E 188 -3.67 4.11 26.25
N PRO E 189 -4.56 3.09 25.84
CA PRO E 189 -5.37 2.66 27.04
C PRO E 189 -4.61 2.19 28.23
N SER E 190 -5.18 2.62 29.36
CA SER E 190 -4.66 2.65 30.70
C SER E 190 -4.56 1.32 31.33
N SER E 191 -5.34 0.35 30.87
CA SER E 191 -5.18 -1.00 31.45
C SER E 191 -4.13 -1.78 30.66
N THR E 192 -3.63 -1.14 29.61
CA THR E 192 -2.68 -1.68 28.62
C THR E 192 -1.24 -1.34 29.04
N TRP E 193 -1.09 -0.06 29.45
CA TRP E 193 0.06 0.44 30.14
C TRP E 193 0.16 0.00 31.52
N PRO E 194 1.12 -0.04 32.51
CA PRO E 194 2.39 -0.90 32.51
C PRO E 194 2.27 -2.34 32.30
N SER E 195 1.12 -2.85 31.87
CA SER E 195 0.97 -4.25 31.60
C SER E 195 1.52 -4.76 30.31
N GLU E 196 1.10 -4.21 29.21
CA GLU E 196 1.22 -4.58 27.83
C GLU E 196 2.45 -3.99 27.17
N THR E 197 2.24 -3.85 25.82
CA THR E 197 3.33 -3.72 24.85
C THR E 197 3.68 -2.22 24.28
N VAL E 198 4.77 -1.64 24.91
CA VAL E 198 5.33 -0.34 24.50
C VAL E 198 6.86 -0.19 24.41
N THR E 199 7.38 -0.62 23.25
CA THR E 199 8.66 -0.15 22.75
C THR E 199 8.52 0.48 21.34
N CYS E 200 9.26 1.55 21.19
CA CYS E 200 9.38 2.33 19.93
C CYS E 200 10.70 1.86 19.26
N ASN E 201 10.64 2.12 17.93
CA ASN E 201 11.44 1.56 16.86
C ASN E 201 11.93 2.65 15.98
N VAL E 202 13.19 2.76 16.16
CA VAL E 202 13.81 3.85 15.54
C VAL E 202 14.82 3.38 14.47
N ALA E 203 14.81 4.15 13.43
CA ALA E 203 15.34 3.75 12.17
C ALA E 203 16.14 4.99 11.58
N HIS E 204 17.50 4.80 11.46
CA HIS E 204 18.40 5.82 10.82
C HIS E 204 19.20 5.39 9.58
N PRO E 205 18.59 5.19 8.40
CA PRO E 205 19.20 4.43 7.34
C PRO E 205 20.54 5.07 7.01
N ALA E 206 20.54 6.39 7.15
CA ALA E 206 21.72 6.95 6.55
C ALA E 206 22.97 6.55 7.33
N SER E 207 22.77 5.97 8.49
CA SER E 207 23.81 5.64 9.38
C SER E 207 23.80 4.14 9.74
N SER E 208 22.92 3.41 9.06
CA SER E 208 22.65 2.04 9.39
C SER E 208 22.40 1.92 10.86
N THR E 209 21.40 2.59 11.31
CA THR E 209 21.00 2.46 12.73
C THR E 209 19.51 2.10 12.96
N LYS E 210 19.22 0.87 13.28
CA LYS E 210 17.91 0.42 13.71
C LYS E 210 18.03 0.47 15.21
N VAL E 211 16.96 0.65 15.94
CA VAL E 211 17.08 0.51 17.41
C VAL E 211 15.67 0.52 18.02
N ASP E 212 15.57 -0.21 19.12
CA ASP E 212 14.37 -0.14 19.87
C ASP E 212 14.74 0.24 21.29
N LYS E 213 13.85 1.03 21.89
CA LYS E 213 13.85 1.18 23.32
C LYS E 213 12.52 0.89 24.06
N LYS E 214 12.59 0.00 25.06
CA LYS E 214 11.43 -0.41 25.87
C LYS E 214 10.96 0.82 26.78
N ILE E 215 9.62 1.03 26.95
CA ILE E 215 9.11 2.08 27.97
C ILE E 215 8.67 1.63 29.47
N VAL E 216 9.72 1.75 30.37
CA VAL E 216 9.64 1.18 31.76
C VAL E 216 8.83 2.14 32.73
N PRO E 217 7.67 1.65 33.31
CA PRO E 217 6.97 2.56 34.29
C PRO E 217 7.86 3.14 35.30
N ARG E 218 7.34 3.96 36.06
CA ARG E 218 8.13 4.67 37.06
C ARG E 218 7.95 3.96 38.46
N LYS F 1 9.22 35.01 1.87
CA LYS F 1 8.92 35.59 0.48
C LYS F 1 7.43 35.96 0.02
N GLU F 2 6.87 36.99 0.65
CA GLU F 2 5.55 37.44 1.23
C GLU F 2 5.85 38.75 1.86
N GLU F 3 5.01 39.52 2.46
CA GLU F 3 5.56 40.52 3.40
C GLU F 3 4.79 40.60 4.71
N VAL F 4 3.50 40.62 4.49
CA VAL F 4 2.54 40.76 5.57
C VAL F 4 1.32 39.96 5.24
N THR F 5 0.31 39.95 6.02
CA THR F 5 -0.85 39.16 6.19
C THR F 5 -2.04 39.96 6.56
N ILE F 6 -3.02 39.98 5.83
CA ILE F 6 -4.22 40.38 6.34
C ILE F 6 -5.21 39.21 6.63
N LYS F 7 -5.78 39.07 7.80
CA LYS F 7 -6.64 37.98 8.06
C LYS F 7 -8.08 38.37 7.68
N VAL F 8 -8.77 37.82 6.79
CA VAL F 8 -10.11 38.30 6.74
C VAL F 8 -11.13 37.30 7.34
N ASN F 9 -12.09 37.73 8.19
CA ASN F 9 -13.23 36.84 8.66
C ASN F 9 -14.27 36.84 7.67
N LEU F 10 -14.37 35.83 6.81
CA LEU F 10 -15.54 35.78 5.88
C LEU F 10 -16.84 35.31 6.65
N ILE F 11 -17.95 35.96 6.29
CA ILE F 11 -19.21 35.73 7.09
C ILE F 11 -20.45 35.65 6.26
N PHE F 12 -20.97 34.49 5.98
CA PHE F 12 -21.94 34.36 4.85
C PHE F 12 -23.30 34.76 5.31
N ALA F 13 -24.18 35.11 4.33
CA ALA F 13 -25.65 35.19 4.66
C ALA F 13 -26.20 33.82 5.34
N ASP F 14 -25.33 33.10 6.08
CA ASP F 14 -25.66 31.86 6.74
C ASP F 14 -25.66 32.12 8.26
N GLY F 15 -24.53 32.72 8.77
CA GLY F 15 -23.90 32.51 10.10
C GLY F 15 -22.53 31.75 10.02
N LYS F 16 -22.38 30.84 9.05
CA LYS F 16 -21.14 30.04 8.82
C LYS F 16 -19.91 30.91 8.44
N ILE F 17 -18.80 30.80 9.21
CA ILE F 17 -17.72 31.63 8.70
C ILE F 17 -16.64 30.87 8.07
N GLN F 18 -15.76 31.67 7.47
CA GLN F 18 -14.44 31.27 6.98
C GLN F 18 -13.45 32.42 7.14
N THR F 19 -12.31 32.07 7.67
CA THR F 19 -11.21 32.91 7.75
C THR F 19 -10.15 32.73 6.61
N ALA F 20 -10.09 33.64 5.68
CA ALA F 20 -8.98 33.63 4.75
C ALA F 20 -7.68 34.28 5.23
N GLU F 21 -6.78 34.56 4.31
CA GLU F 21 -5.56 35.21 4.73
C GLU F 21 -4.78 35.62 3.55
N PHE F 22 -4.43 36.91 3.47
CA PHE F 22 -3.69 37.42 2.30
C PHE F 22 -2.23 37.96 2.52
N LYS F 23 -1.17 37.52 1.80
CA LYS F 23 0.18 37.97 1.92
C LYS F 23 0.84 38.68 0.61
N GLY F 24 1.97 39.42 0.90
CA GLY F 24 2.52 40.61 0.11
C GLY F 24 2.52 42.10 0.86
N THR F 25 2.59 43.19 0.08
CA THR F 25 2.61 44.55 0.69
C THR F 25 1.20 45.02 1.04
N PHE F 26 1.04 45.68 2.19
CA PHE F 26 -0.30 46.10 2.65
C PHE F 26 -1.32 46.36 1.48
N GLU F 27 -0.70 47.01 0.47
CA GLU F 27 -1.37 47.56 -0.67
C GLU F 27 -1.71 46.25 -1.52
N GLU F 28 -0.76 45.45 -1.98
CA GLU F 28 -1.11 44.29 -2.74
C GLU F 28 -2.20 43.41 -1.96
N ALA F 29 -1.82 42.94 -0.84
CA ALA F 29 -2.69 42.25 0.03
C ALA F 29 -4.15 42.64 0.11
N THR F 30 -4.44 43.73 0.85
CA THR F 30 -5.74 44.42 0.87
C THR F 30 -6.46 44.32 -0.55
N ALA F 31 -5.71 44.45 -1.62
CA ALA F 31 -6.46 44.59 -2.80
C ALA F 31 -7.07 43.24 -3.13
N GLU F 32 -6.37 42.17 -2.73
CA GLU F 32 -6.80 40.78 -3.09
C GLU F 32 -7.94 40.52 -2.19
N ALA F 33 -7.78 40.85 -0.96
CA ALA F 33 -8.86 40.60 -0.09
C ALA F 33 -10.12 41.10 -0.72
N TYR F 34 -10.16 42.16 -1.58
CA TYR F 34 -11.43 42.81 -1.99
C TYR F 34 -11.66 42.16 -3.36
N ARG F 35 -10.61 41.91 -4.05
CA ARG F 35 -10.85 41.25 -5.32
C ARG F 35 -11.39 39.69 -5.11
N TYR F 36 -10.91 39.05 -4.06
CA TYR F 36 -11.41 37.74 -3.62
C TYR F 36 -12.84 37.94 -3.25
N ALA F 37 -13.10 39.03 -2.53
CA ALA F 37 -14.39 39.25 -1.90
C ALA F 37 -15.43 39.47 -2.98
N ASP F 38 -15.00 40.00 -4.14
CA ASP F 38 -15.92 40.27 -5.29
C ASP F 38 -16.22 39.06 -6.15
N LEU F 39 -15.33 38.12 -6.07
CA LEU F 39 -15.41 36.86 -6.68
C LEU F 39 -16.44 36.21 -5.81
N LEU F 40 -16.29 36.23 -4.50
CA LEU F 40 -17.34 35.60 -3.72
C LEU F 40 -18.69 36.26 -4.02
N ALA F 41 -18.82 37.56 -3.89
CA ALA F 41 -19.94 38.27 -4.61
C ALA F 41 -20.56 37.62 -5.90
N LYS F 42 -19.79 37.24 -6.96
CA LYS F 42 -20.61 36.75 -8.10
C LYS F 42 -21.57 35.49 -7.85
N VAL F 43 -21.79 35.07 -6.64
CA VAL F 43 -22.55 33.87 -6.27
C VAL F 43 -22.89 34.11 -4.78
N ASN F 44 -22.48 35.24 -4.23
CA ASN F 44 -23.11 35.73 -3.01
C ASN F 44 -23.51 37.26 -3.26
N GLY F 45 -24.66 37.77 -2.82
CA GLY F 45 -24.74 39.22 -2.87
C GLY F 45 -23.74 40.01 -2.02
N GLU F 46 -24.11 41.27 -1.85
CA GLU F 46 -23.12 42.19 -1.42
C GLU F 46 -22.83 42.04 0.03
N TYR F 47 -21.81 42.81 0.43
CA TYR F 47 -21.16 42.64 1.69
C TYR F 47 -20.62 43.97 2.44
N THR F 48 -20.30 43.87 3.73
CA THR F 48 -19.93 45.02 4.59
C THR F 48 -18.56 44.94 4.99
N TRP F 49 -17.88 46.07 5.21
CA TRP F 49 -16.52 45.82 5.52
C TRP F 49 -15.91 46.46 6.72
N ASP F 50 -16.41 46.07 7.89
CA ASP F 50 -15.68 46.45 9.08
C ASP F 50 -14.14 46.16 8.78
N LEU F 51 -13.20 46.98 9.28
CA LEU F 51 -11.77 46.67 9.25
C LEU F 51 -11.48 46.78 10.72
N GLU F 52 -10.87 45.81 11.48
CA GLU F 52 -10.10 46.10 12.75
C GLU F 52 -9.22 47.11 12.07
N ASP F 53 -9.13 48.27 12.71
CA ASP F 53 -8.16 49.32 12.36
C ASP F 53 -6.56 48.76 12.37
N GLY F 54 -5.70 49.58 11.74
CA GLY F 54 -4.47 49.07 11.27
C GLY F 54 -4.77 48.85 9.83
N GLY F 55 -6.02 48.39 9.42
CA GLY F 55 -6.38 47.69 8.10
C GLY F 55 -6.06 46.17 7.80
N ASN F 56 -5.54 45.45 8.85
CA ASN F 56 -4.96 44.02 8.93
C ASN F 56 -5.89 42.89 9.59
N HIS F 57 -7.21 43.03 9.39
CA HIS F 57 -8.10 42.02 9.81
C HIS F 57 -9.39 42.52 9.35
N MET F 58 -9.93 42.17 8.18
CA MET F 58 -11.18 42.76 7.76
C MET F 58 -12.38 41.99 8.28
N ASN F 59 -13.59 42.28 7.74
CA ASN F 59 -14.68 41.47 8.12
C ASN F 59 -15.67 41.37 6.95
N ILE F 60 -15.38 40.68 5.89
CA ILE F 60 -16.51 40.69 4.95
C ILE F 60 -17.78 39.86 5.37
N LYS F 61 -18.95 40.43 5.04
CA LYS F 61 -20.26 39.92 5.48
C LYS F 61 -21.14 39.97 4.34
N PHE F 62 -21.56 38.78 3.91
CA PHE F 62 -22.43 38.64 2.71
C PHE F 62 -23.86 38.54 3.10
N ALA F 63 -24.79 38.81 2.16
CA ALA F 63 -26.20 38.70 2.49
C ALA F 63 -27.01 38.87 1.27
N GLY F 64 -27.89 37.88 1.06
CA GLY F 64 -28.76 37.88 -0.11
C GLY F 64 -27.96 37.30 -1.33
N LYS F 65 -27.72 35.98 -1.26
CA LYS F 65 -26.89 35.18 -2.22
C LYS F 65 -27.33 35.17 -3.78
#